data_2ZX6
#
_entry.id   2ZX6
#
_cell.length_a   179.811
_cell.length_b   179.811
_cell.length_c   168.848
_cell.angle_alpha   90.00
_cell.angle_beta   90.00
_cell.angle_gamma   120.00
#
_symmetry.space_group_name_H-M   'H 3 2'
#
loop_
_entity.id
_entity.type
_entity.pdbx_description
1 polymer 'Alpha-L-fucosidase, putative'
2 non-polymer 2-(1H-indol-3-yl)-N-{[(2R,3R,4R,5R,6S)-3,4,5-trihydroxy-6-methylpiperidin-2-yl]methyl}acetamide
3 water water
#
_entity_poly.entity_id   1
_entity_poly.type   'polypeptide(L)'
_entity_poly.pdbx_seq_one_letter_code
;MISMKPRYKPDWESLREHTVPKWFDKAKFGIFIHWGIYSVPGWATPTGELGKVPMDAWFFQNPYAEWYENSLRIKESPTW
EYHVKTYGENFEYEKFADLFTAEKWDPQEWADLFKKAGAKYVIPTTKHHDGFCLWGTKYTDFNSVKRGPKRDLVGDLAKA
VREAGLRFGVYYSGGLDWRFTTEPIRYPEDLSYIRPNTYEYADYAYKQVMELVDLYLPDVLWNDMGWPEKGKEDLKYLFA
YYYNKHPEGSVNDRWGVPHWDFKTAEYHVNYPGDLPGYKWEFTRGIGLSFGYNRNEGPEHMLSVEQLVYTLVDVVSKGGN
LLLNVGPKGDGTIPDLQKERLLGLGEWLRKYGDAIYGTSVWERCCAKTEDGTEIRFTRKCNRIFVIFLGIPTGEKIVIED
LNLSAGTVRHFLTGERLSFKNVGKNLEITVPKKLLETDSITLVLEAVEEHHHHHH
;
_entity_poly.pdbx_strand_id   A,B
#
# COMPACT_ATOMS: atom_id res chain seq x y z
N ARG A 7 -0.62 2.25 18.05
CA ARG A 7 0.14 3.48 17.64
C ARG A 7 1.18 3.34 16.48
N TYR A 8 1.33 4.40 15.72
CA TYR A 8 2.37 4.44 14.73
C TYR A 8 3.58 4.89 15.54
N LYS A 9 4.75 4.38 15.23
CA LYS A 9 5.92 4.77 15.96
C LYS A 9 6.72 5.72 15.12
N PRO A 10 7.58 6.55 15.76
CA PRO A 10 8.38 7.49 15.01
C PRO A 10 9.54 6.84 14.21
N ASP A 11 9.21 5.95 13.29
CA ASP A 11 10.26 5.41 12.40
C ASP A 11 9.68 4.92 11.09
N TRP A 12 10.51 5.02 10.06
CA TRP A 12 10.03 4.70 8.73
C TRP A 12 9.43 3.32 8.56
N GLU A 13 9.97 2.31 9.24
CA GLU A 13 9.44 0.95 9.11
C GLU A 13 8.02 0.92 9.64
N SER A 14 7.80 1.60 10.76
CA SER A 14 6.47 1.66 11.35
C SER A 14 5.48 2.52 10.53
N LEU A 15 5.93 3.70 10.07
CA LEU A 15 5.09 4.58 9.25
C LEU A 15 4.71 3.90 7.94
N ARG A 16 5.54 2.98 7.50
CA ARG A 16 5.23 2.24 6.26
C ARG A 16 3.84 1.57 6.40
N GLU A 17 3.40 1.28 7.63
CA GLU A 17 2.08 0.69 7.92
C GLU A 17 0.92 1.54 7.47
N HIS A 18 1.10 2.86 7.46
CA HIS A 18 0.05 3.73 7.03
C HIS A 18 -0.01 3.79 5.55
N THR A 19 -1.11 3.44 4.95
CA THR A 19 -1.18 3.59 3.50
C THR A 19 -2.29 4.56 3.19
N VAL A 20 -2.27 5.07 1.96
CA VAL A 20 -3.24 6.03 1.53
C VAL A 20 -4.68 5.64 1.97
N PRO A 21 -5.34 6.56 2.66
CA PRO A 21 -6.70 6.26 3.11
C PRO A 21 -7.71 6.05 1.98
N LYS A 22 -8.71 5.22 2.29
CA LYS A 22 -9.75 4.86 1.36
C LYS A 22 -10.43 6.07 0.76
N TRP A 23 -10.73 7.07 1.59
CA TRP A 23 -11.45 8.22 1.09
C TRP A 23 -10.69 8.94 -0.03
N PHE A 24 -9.38 9.03 0.14
CA PHE A 24 -8.60 9.71 -0.86
C PHE A 24 -8.60 8.91 -2.14
N ASP A 25 -8.41 7.61 -2.06
CA ASP A 25 -8.37 6.79 -3.23
C ASP A 25 -9.66 6.92 -4.03
N LYS A 26 -10.78 7.00 -3.31
CA LYS A 26 -12.07 7.08 -3.93
C LYS A 26 -12.55 8.45 -4.36
N ALA A 27 -11.92 9.49 -3.84
CA ALA A 27 -12.39 10.83 -4.16
C ALA A 27 -12.12 11.31 -5.59
N LYS A 28 -10.99 10.90 -6.21
CA LYS A 28 -10.69 11.27 -7.61
C LYS A 28 -10.44 12.75 -8.01
N PHE A 29 -11.14 13.67 -7.35
CA PHE A 29 -11.03 15.05 -7.74
C PHE A 29 -11.03 15.95 -6.53
N GLY A 30 -10.06 16.86 -6.56
CA GLY A 30 -9.93 17.87 -5.52
C GLY A 30 -9.55 19.22 -6.13
N ILE A 31 -9.74 20.28 -5.34
CA ILE A 31 -9.37 21.63 -5.75
C ILE A 31 -8.14 22.14 -4.94
N PHE A 32 -7.16 22.64 -5.68
CA PHE A 32 -5.97 23.28 -5.14
C PHE A 32 -6.28 24.82 -5.13
N ILE A 33 -5.88 25.55 -4.12
CA ILE A 33 -6.10 26.99 -4.15
C ILE A 33 -4.75 27.73 -3.81
N HIS A 34 -4.15 28.37 -4.82
CA HIS A 34 -2.95 29.18 -4.61
C HIS A 34 -3.41 30.61 -4.52
N TRP A 35 -3.40 31.09 -3.28
CA TRP A 35 -3.87 32.41 -2.91
C TRP A 35 -2.93 33.03 -1.91
N GLY A 36 -2.48 34.24 -2.21
CA GLY A 36 -1.59 34.93 -1.30
C GLY A 36 -1.39 36.36 -1.74
N ILE A 37 -0.39 37.05 -1.18
CA ILE A 37 -0.18 38.44 -1.52
C ILE A 37 0.27 38.62 -2.98
N TYR A 38 0.72 37.52 -3.60
CA TYR A 38 1.10 37.56 -5.01
C TYR A 38 -0.14 37.68 -5.88
N SER A 39 -1.29 37.33 -5.32
CA SER A 39 -2.57 37.41 -6.02
C SER A 39 -2.92 38.86 -6.33
N VAL A 40 -2.37 39.81 -5.55
CA VAL A 40 -2.64 41.23 -5.78
C VAL A 40 -1.98 41.67 -7.10
N PRO A 41 -0.64 41.56 -7.23
CA PRO A 41 -0.20 41.99 -8.58
C PRO A 41 -0.82 41.04 -9.59
N GLY A 42 -0.97 39.77 -9.24
CA GLY A 42 -1.60 38.79 -10.14
C GLY A 42 -1.19 38.90 -11.59
N TRP A 43 0.10 38.76 -11.81
CA TRP A 43 0.67 38.92 -13.14
C TRP A 43 1.88 38.03 -13.49
N ALA A 44 1.86 37.43 -14.66
CA ALA A 44 3.02 36.65 -15.12
C ALA A 44 3.01 36.55 -16.66
N THR A 45 4.14 36.18 -17.20
CA THR A 45 4.26 35.95 -18.65
C THR A 45 3.73 34.51 -18.83
N PRO A 46 2.58 34.32 -19.52
CA PRO A 46 2.07 32.94 -19.70
C PRO A 46 2.84 32.18 -20.79
N THR A 47 4.12 31.99 -20.53
CA THR A 47 5.06 31.31 -21.40
C THR A 47 4.77 29.88 -21.85
N GLY A 48 4.18 29.06 -21.00
CA GLY A 48 3.93 27.69 -21.38
C GLY A 48 3.79 26.73 -20.20
N GLU A 49 3.67 25.46 -20.52
CA GLU A 49 3.49 24.40 -19.54
C GLU A 49 4.79 23.91 -18.90
N LEU A 50 4.75 23.70 -17.59
CA LEU A 50 5.95 23.16 -16.97
C LEU A 50 6.21 21.80 -17.68
N GLY A 51 7.48 21.57 -18.03
CA GLY A 51 7.92 20.38 -18.71
C GLY A 51 8.18 20.70 -20.17
N LYS A 52 7.62 21.81 -20.67
CA LYS A 52 7.78 22.19 -22.09
C LYS A 52 8.61 23.44 -22.29
N VAL A 53 8.80 24.20 -21.25
CA VAL A 53 9.58 25.40 -21.35
C VAL A 53 11.04 25.10 -20.96
N PRO A 54 12.00 25.55 -21.81
CA PRO A 54 13.42 25.30 -21.47
C PRO A 54 13.80 25.93 -20.11
N MET A 55 14.38 25.11 -19.24
CA MET A 55 14.75 25.58 -17.91
C MET A 55 15.82 26.67 -17.85
N ASP A 56 16.31 27.05 -19.02
CA ASP A 56 17.34 28.06 -19.17
C ASP A 56 16.55 29.42 -19.31
N ALA A 57 15.26 29.33 -19.54
CA ALA A 57 14.44 30.53 -19.70
C ALA A 57 13.42 30.68 -18.59
N TRP A 58 12.92 29.53 -18.14
CA TRP A 58 11.86 29.46 -17.15
C TRP A 58 11.80 30.49 -16.04
N PHE A 59 12.85 30.61 -15.22
CA PHE A 59 12.78 31.58 -14.13
C PHE A 59 12.77 33.03 -14.59
N PHE A 60 13.29 33.28 -15.80
CA PHE A 60 13.32 34.62 -16.40
C PHE A 60 11.98 35.07 -17.04
N GLN A 61 11.15 34.11 -17.50
CA GLN A 61 9.84 34.33 -18.12
C GLN A 61 8.89 33.37 -17.40
N ASN A 62 8.88 33.37 -16.07
CA ASN A 62 8.07 32.45 -15.27
C ASN A 62 6.52 32.63 -15.40
N PRO A 63 5.82 31.60 -15.90
CA PRO A 63 4.36 31.67 -16.06
C PRO A 63 3.62 31.40 -14.70
N TYR A 64 4.35 31.06 -13.64
CA TYR A 64 3.66 30.82 -12.36
C TYR A 64 3.59 32.16 -11.66
N ALA A 65 2.43 32.82 -11.74
CA ALA A 65 2.31 34.15 -11.14
C ALA A 65 2.62 34.16 -9.63
N GLU A 66 2.52 33.04 -8.95
CA GLU A 66 2.82 33.07 -7.56
C GLU A 66 4.32 33.16 -7.30
N TRP A 67 5.15 33.15 -8.35
CA TRP A 67 6.62 33.27 -8.20
C TRP A 67 7.05 34.71 -8.39
N TYR A 68 6.05 35.58 -8.37
CA TYR A 68 6.25 37.01 -8.58
C TYR A 68 7.43 37.61 -7.80
N GLU A 69 7.52 37.36 -6.50
CA GLU A 69 8.65 37.94 -5.77
C GLU A 69 10.03 37.50 -6.37
N ASN A 70 10.14 36.22 -6.68
CA ASN A 70 11.38 35.72 -7.23
C ASN A 70 11.65 36.38 -8.59
N SER A 71 10.62 36.48 -9.43
CA SER A 71 10.75 37.15 -10.74
C SER A 71 11.12 38.63 -10.52
N LEU A 72 10.48 39.26 -9.52
CA LEU A 72 10.76 40.64 -9.20
C LEU A 72 12.23 40.89 -8.84
N ARG A 73 12.90 39.93 -8.17
CA ARG A 73 14.30 40.05 -7.77
C ARG A 73 15.28 39.90 -8.97
N ILE A 74 14.79 39.37 -10.07
CA ILE A 74 15.60 39.26 -11.26
C ILE A 74 15.32 40.56 -12.03
N LYS A 75 16.21 41.55 -11.92
CA LYS A 75 16.03 42.84 -12.61
C LYS A 75 15.96 42.64 -14.13
N GLU A 76 15.19 43.45 -14.81
CA GLU A 76 15.10 43.19 -16.25
C GLU A 76 14.60 41.76 -16.50
N SER A 77 13.43 41.50 -15.95
CA SER A 77 12.69 40.27 -16.14
C SER A 77 11.40 41.02 -16.49
N PRO A 78 10.53 40.40 -17.28
CA PRO A 78 9.28 41.10 -17.61
C PRO A 78 8.56 41.55 -16.34
N THR A 79 8.62 40.72 -15.29
CA THR A 79 7.98 41.05 -14.01
C THR A 79 8.55 42.36 -13.39
N TRP A 80 9.88 42.45 -13.39
CA TRP A 80 10.53 43.62 -12.84
C TRP A 80 10.02 44.85 -13.58
N GLU A 81 9.97 44.79 -14.92
CA GLU A 81 9.54 45.94 -15.72
C GLU A 81 8.09 46.31 -15.36
N TYR A 82 7.22 45.33 -15.42
CA TYR A 82 5.84 45.51 -15.10
C TYR A 82 5.61 46.13 -13.71
N HIS A 83 6.37 45.65 -12.73
CA HIS A 83 6.27 46.12 -11.37
C HIS A 83 6.65 47.58 -11.19
N VAL A 84 7.79 47.95 -11.81
CA VAL A 84 8.25 49.32 -11.72
C VAL A 84 7.23 50.25 -12.42
N LYS A 85 6.76 49.92 -13.61
CA LYS A 85 5.79 50.79 -14.25
C LYS A 85 4.42 50.83 -13.46
N THR A 86 4.08 49.75 -12.78
CA THR A 86 2.79 49.64 -12.12
C THR A 86 2.78 50.06 -10.67
N TYR A 87 3.81 49.65 -9.95
CA TYR A 87 3.81 49.94 -8.54
C TYR A 87 4.95 50.82 -8.14
N GLY A 88 6.01 50.85 -8.93
CA GLY A 88 7.16 51.64 -8.57
C GLY A 88 8.35 50.86 -8.03
N GLU A 89 9.52 51.41 -8.29
CA GLU A 89 10.75 50.82 -7.84
C GLU A 89 10.83 50.71 -6.30
N ASN A 90 10.18 51.64 -5.61
CA ASN A 90 10.23 51.67 -4.15
C ASN A 90 9.09 50.90 -3.48
N PHE A 91 8.34 50.13 -4.24
CA PHE A 91 7.29 49.36 -3.62
C PHE A 91 7.81 47.89 -3.45
N GLU A 92 8.28 47.58 -2.24
CA GLU A 92 8.77 46.24 -1.89
C GLU A 92 7.62 45.26 -1.95
N TYR A 93 7.97 44.04 -2.31
CA TYR A 93 7.04 42.93 -2.43
C TYR A 93 6.16 42.72 -1.17
N GLU A 94 6.78 42.80 -0.02
CA GLU A 94 6.10 42.58 1.25
C GLU A 94 4.92 43.51 1.45
N LYS A 95 5.03 44.68 0.80
CA LYS A 95 4.03 45.71 0.87
C LYS A 95 2.68 45.20 0.35
N PHE A 96 2.73 44.21 -0.55
CA PHE A 96 1.50 43.62 -1.03
C PHE A 96 0.64 42.97 0.11
N ALA A 97 1.25 42.57 1.22
CA ALA A 97 0.45 42.02 2.33
C ALA A 97 -0.59 43.09 2.83
N ASP A 98 -0.30 44.38 2.64
CA ASP A 98 -1.19 45.45 3.10
C ASP A 98 -2.27 45.67 2.06
N LEU A 99 -2.00 45.34 0.80
CA LEU A 99 -3.06 45.49 -0.18
C LEU A 99 -3.91 44.22 -0.25
N PHE A 100 -3.43 43.14 0.34
CA PHE A 100 -4.16 41.86 0.29
C PHE A 100 -5.25 41.93 1.33
N THR A 101 -6.40 42.42 0.93
CA THR A 101 -7.45 42.60 1.91
C THR A 101 -8.62 41.63 1.87
N ALA A 102 -8.78 40.89 0.78
CA ALA A 102 -9.84 39.90 0.68
C ALA A 102 -11.23 40.46 1.04
N GLU A 103 -11.47 41.73 0.74
CA GLU A 103 -12.71 42.41 1.05
C GLU A 103 -13.98 41.75 0.53
N LYS A 104 -13.92 41.11 -0.63
CA LYS A 104 -15.09 40.40 -1.17
C LYS A 104 -15.02 38.89 -0.95
N TRP A 105 -14.27 38.43 0.05
CA TRP A 105 -14.15 36.99 0.28
C TRP A 105 -15.34 36.36 1.01
N ASP A 106 -15.85 35.25 0.48
CA ASP A 106 -16.97 34.53 1.12
C ASP A 106 -16.67 33.01 1.05
N PRO A 107 -16.06 32.48 2.11
CA PRO A 107 -15.73 31.05 2.10
C PRO A 107 -16.81 30.05 1.79
N GLN A 108 -18.01 30.30 2.30
CA GLN A 108 -19.10 29.35 2.03
C GLN A 108 -19.45 29.37 0.58
N GLU A 109 -19.19 30.51 -0.05
CA GLU A 109 -19.44 30.66 -1.47
C GLU A 109 -18.37 29.84 -2.22
N TRP A 110 -17.12 29.89 -1.76
CA TRP A 110 -16.07 29.05 -2.39
C TRP A 110 -16.40 27.56 -2.24
N ALA A 111 -16.63 27.12 -1.00
CA ALA A 111 -16.92 25.71 -0.73
C ALA A 111 -18.14 25.21 -1.58
N ASP A 112 -19.16 26.04 -1.67
CA ASP A 112 -20.31 25.65 -2.46
C ASP A 112 -19.91 25.44 -3.92
N LEU A 113 -19.14 26.38 -4.48
CA LEU A 113 -18.72 26.28 -5.88
C LEU A 113 -17.89 25.02 -6.03
N PHE A 114 -17.03 24.73 -5.05
CA PHE A 114 -16.18 23.54 -5.17
C PHE A 114 -16.99 22.24 -5.13
N LYS A 115 -18.04 22.22 -4.31
CA LYS A 115 -18.91 21.05 -4.20
C LYS A 115 -19.68 20.96 -5.57
N LYS A 116 -20.20 22.08 -6.05
CA LYS A 116 -20.94 22.04 -7.29
C LYS A 116 -20.01 21.60 -8.38
N ALA A 117 -18.73 21.91 -8.24
CA ALA A 117 -17.79 21.48 -9.29
C ALA A 117 -17.49 19.97 -9.27
N GLY A 118 -17.94 19.25 -8.22
CA GLY A 118 -17.67 17.82 -8.16
C GLY A 118 -16.44 17.46 -7.32
N ALA A 119 -15.81 18.43 -6.67
CA ALA A 119 -14.63 18.17 -5.89
C ALA A 119 -14.99 17.57 -4.53
N LYS A 120 -14.15 16.63 -4.07
CA LYS A 120 -14.38 15.95 -2.80
C LYS A 120 -13.40 16.46 -1.71
N TYR A 121 -12.40 17.24 -2.13
CA TYR A 121 -11.45 17.81 -1.17
C TYR A 121 -10.84 19.15 -1.65
N VAL A 122 -10.42 19.96 -0.69
CA VAL A 122 -9.86 21.25 -0.94
C VAL A 122 -8.57 21.51 -0.17
N ILE A 123 -7.58 22.03 -0.91
CA ILE A 123 -6.27 22.29 -0.35
C ILE A 123 -5.69 23.66 -0.66
N PRO A 124 -5.71 24.55 0.33
CA PRO A 124 -5.14 25.86 0.06
C PRO A 124 -3.68 25.96 0.55
N THR A 125 -3.00 26.91 -0.05
CA THR A 125 -1.65 27.27 0.26
C THR A 125 -1.68 27.96 1.61
N THR A 126 -1.23 27.31 2.68
CA THR A 126 -1.18 27.97 3.99
C THR A 126 0.01 28.93 4.04
N LYS A 127 1.05 28.58 3.28
CA LYS A 127 2.25 29.38 3.16
C LYS A 127 2.97 28.94 1.90
N HIS A 128 3.10 29.85 0.95
CA HIS A 128 3.80 29.52 -0.27
C HIS A 128 5.31 29.97 -0.19
N HIS A 129 6.05 29.89 -1.28
CA HIS A 129 7.47 30.29 -1.21
C HIS A 129 7.83 31.68 -0.65
N ASP A 130 6.92 32.66 -0.74
CA ASP A 130 7.19 34.02 -0.26
C ASP A 130 7.11 34.09 1.28
N GLY A 131 6.81 32.94 1.91
CA GLY A 131 6.72 32.82 3.33
C GLY A 131 5.59 33.49 4.06
N PHE A 132 4.65 34.13 3.38
CA PHE A 132 3.49 34.81 4.04
C PHE A 132 2.47 33.72 4.36
N CYS A 133 1.99 33.72 5.62
CA CYS A 133 1.07 32.71 6.16
C CYS A 133 -0.39 33.16 6.29
N LEU A 134 -1.28 32.36 5.68
CA LEU A 134 -2.68 32.64 5.69
C LEU A 134 -3.42 32.19 6.91
N TRP A 135 -2.75 32.08 8.08
CA TRP A 135 -3.43 31.73 9.37
C TRP A 135 -2.67 32.43 10.46
N GLY A 136 -3.25 32.51 11.65
CA GLY A 136 -2.60 33.25 12.70
C GLY A 136 -1.46 32.51 13.38
N THR A 137 -0.44 32.15 12.64
CA THR A 137 0.68 31.41 13.22
C THR A 137 1.34 32.25 14.32
N LYS A 138 1.90 31.60 15.32
CA LYS A 138 2.52 32.35 16.35
C LYS A 138 4.00 32.49 16.06
N TYR A 139 4.43 31.90 14.94
CA TYR A 139 5.85 31.91 14.63
C TYR A 139 6.38 32.96 13.68
N THR A 140 5.47 33.77 13.16
CA THR A 140 5.85 34.92 12.36
C THR A 140 4.69 35.93 12.33
N ASP A 141 5.01 37.21 12.20
CA ASP A 141 4.00 38.30 12.06
C ASP A 141 3.61 38.58 10.61
N PHE A 142 4.22 37.87 9.67
CA PHE A 142 3.95 38.06 8.26
C PHE A 142 2.83 37.06 7.90
N ASN A 143 1.64 37.30 8.43
CA ASN A 143 0.54 36.37 8.25
C ASN A 143 -0.73 37.18 8.11
N SER A 144 -1.78 36.53 7.63
CA SER A 144 -3.01 37.20 7.34
C SER A 144 -3.86 37.74 8.50
N VAL A 145 -3.52 37.43 9.73
CA VAL A 145 -4.26 37.93 10.86
C VAL A 145 -3.68 39.30 11.27
N LYS A 146 -2.37 39.41 11.21
CA LYS A 146 -1.73 40.63 11.57
C LYS A 146 -1.63 41.68 10.44
N ARG A 147 -1.72 41.24 9.19
CA ARG A 147 -1.60 42.12 8.04
C ARG A 147 -2.69 41.85 7.04
N GLY A 148 -2.77 42.64 5.98
CA GLY A 148 -3.77 42.41 4.94
C GLY A 148 -5.22 42.17 5.35
N PRO A 149 -5.75 40.94 5.28
CA PRO A 149 -7.13 40.60 5.65
C PRO A 149 -7.51 40.70 7.14
N LYS A 150 -6.54 40.63 8.04
CA LYS A 150 -6.83 40.66 9.47
C LYS A 150 -7.84 39.52 9.69
N ARG A 151 -7.53 38.34 9.17
CA ARG A 151 -8.43 37.23 9.25
C ARG A 151 -7.68 35.87 9.06
N ASP A 152 -8.12 34.84 9.79
CA ASP A 152 -7.53 33.52 9.63
C ASP A 152 -8.20 32.89 8.44
N LEU A 153 -7.57 33.03 7.26
CA LEU A 153 -8.14 32.49 6.01
C LEU A 153 -8.20 30.96 6.02
N VAL A 154 -7.11 30.33 6.49
CA VAL A 154 -7.03 28.87 6.54
C VAL A 154 -8.17 28.36 7.43
N GLY A 155 -8.22 28.89 8.66
CA GLY A 155 -9.28 28.48 9.57
C GLY A 155 -10.67 28.66 8.98
N ASP A 156 -10.96 29.88 8.53
CA ASP A 156 -12.28 30.15 7.96
C ASP A 156 -12.58 29.32 6.74
N LEU A 157 -11.57 29.03 5.96
CA LEU A 157 -11.86 28.25 4.79
C LEU A 157 -12.12 26.81 5.20
N ALA A 158 -11.41 26.34 6.22
CA ALA A 158 -11.56 24.96 6.65
C ALA A 158 -12.99 24.72 7.17
N LYS A 159 -13.50 25.65 7.96
CA LYS A 159 -14.85 25.51 8.50
C LYS A 159 -15.83 25.40 7.34
N ALA A 160 -15.69 26.33 6.39
CA ALA A 160 -16.54 26.35 5.21
C ALA A 160 -16.49 25.07 4.36
N VAL A 161 -15.30 24.56 4.09
CA VAL A 161 -15.19 23.36 3.29
C VAL A 161 -15.84 22.16 3.98
N ARG A 162 -15.66 22.06 5.29
CA ARG A 162 -16.20 20.95 6.07
C ARG A 162 -17.70 21.04 6.15
N GLU A 163 -18.19 22.25 6.40
CA GLU A 163 -19.62 22.50 6.46
C GLU A 163 -20.22 21.98 5.19
N ALA A 164 -19.50 22.13 4.07
CA ALA A 164 -19.95 21.67 2.77
C ALA A 164 -19.76 20.14 2.61
N GLY A 165 -19.16 19.49 3.62
CA GLY A 165 -18.98 18.06 3.59
C GLY A 165 -17.80 17.65 2.77
N LEU A 166 -16.85 18.56 2.56
CA LEU A 166 -15.64 18.24 1.80
C LEU A 166 -14.41 18.13 2.74
N ARG A 167 -13.49 17.23 2.36
CA ARG A 167 -12.24 17.02 3.10
C ARG A 167 -11.36 18.26 2.87
N PHE A 168 -10.54 18.57 3.87
CA PHE A 168 -9.68 19.77 3.81
C PHE A 168 -8.23 19.42 4.11
N GLY A 169 -7.34 19.78 3.19
CA GLY A 169 -5.94 19.51 3.41
C GLY A 169 -5.22 20.83 3.42
N VAL A 170 -3.93 20.79 3.71
CA VAL A 170 -3.12 22.03 3.74
C VAL A 170 -1.90 21.94 2.88
N TYR A 171 -1.60 22.97 2.13
CA TYR A 171 -0.38 22.98 1.34
C TYR A 171 0.64 23.85 2.17
N TYR A 172 1.85 23.32 2.37
CA TYR A 172 2.87 24.10 3.07
C TYR A 172 4.17 24.09 2.27
N SER A 173 4.80 25.25 2.09
CA SER A 173 6.06 25.34 1.35
C SER A 173 7.24 25.04 2.29
N GLY A 174 7.52 23.76 2.53
CA GLY A 174 8.61 23.46 3.44
C GLY A 174 9.95 23.75 2.85
N GLY A 175 10.10 23.46 1.55
CA GLY A 175 11.36 23.64 0.85
C GLY A 175 11.91 25.05 0.57
N LEU A 176 11.02 26.00 0.33
CA LEU A 176 11.39 27.37 0.02
C LEU A 176 10.63 28.36 0.92
N ASP A 177 11.36 29.38 1.34
CA ASP A 177 10.78 30.48 2.09
C ASP A 177 11.70 31.67 1.76
N TRP A 178 11.24 32.52 0.84
CA TRP A 178 12.03 33.68 0.42
C TRP A 178 12.21 34.78 1.51
N ARG A 179 11.57 34.53 2.68
CA ARG A 179 11.75 35.39 3.83
C ARG A 179 13.12 35.00 4.46
N PHE A 180 13.74 33.92 3.99
CA PHE A 180 15.05 33.54 4.53
C PHE A 180 16.21 33.69 3.49
N THR A 181 15.90 34.19 2.29
CA THR A 181 16.91 34.38 1.25
C THR A 181 16.79 35.78 0.67
N THR A 182 17.77 36.21 -0.08
CA THR A 182 17.74 37.53 -0.67
C THR A 182 17.96 37.36 -2.13
N GLU A 183 18.62 36.29 -2.50
CA GLU A 183 18.95 36.06 -3.90
C GLU A 183 17.84 35.27 -4.63
N PRO A 184 17.52 35.62 -5.89
CA PRO A 184 16.47 34.88 -6.65
C PRO A 184 17.00 33.60 -7.24
N ILE A 185 16.07 32.69 -7.58
CA ILE A 185 16.37 31.44 -8.30
C ILE A 185 16.36 31.82 -9.81
N ARG A 186 17.48 31.62 -10.53
CA ARG A 186 17.59 31.97 -11.97
C ARG A 186 17.72 30.75 -12.89
N TYR A 187 18.27 29.66 -12.36
CA TYR A 187 18.44 28.39 -13.04
C TYR A 187 18.10 27.30 -12.05
N PRO A 188 17.67 26.12 -12.54
CA PRO A 188 17.31 25.00 -11.66
C PRO A 188 18.47 24.74 -10.67
N GLU A 189 19.69 24.88 -11.14
CA GLU A 189 20.87 24.65 -10.30
C GLU A 189 20.89 25.44 -8.97
N ASP A 190 20.38 26.66 -9.03
CA ASP A 190 20.39 27.50 -7.87
C ASP A 190 19.60 26.91 -6.71
N LEU A 191 18.60 26.06 -7.01
CA LEU A 191 17.78 25.48 -5.97
C LEU A 191 18.62 24.62 -5.05
N SER A 192 19.78 24.17 -5.52
CA SER A 192 20.59 23.31 -4.67
C SER A 192 21.29 24.08 -3.55
N TYR A 193 21.34 25.42 -3.66
CA TYR A 193 21.98 26.16 -2.57
C TYR A 193 21.24 27.42 -2.08
N ILE A 194 20.31 27.95 -2.86
CA ILE A 194 19.57 29.08 -2.37
C ILE A 194 18.28 28.57 -1.69
N ARG A 195 18.41 28.23 -0.42
CA ARG A 195 17.39 27.64 0.45
C ARG A 195 17.66 28.25 1.84
N PRO A 196 16.65 28.22 2.77
CA PRO A 196 16.96 28.81 4.10
C PRO A 196 18.25 28.23 4.72
N ASN A 197 18.40 26.90 4.72
CA ASN A 197 19.63 26.31 5.22
C ASN A 197 19.95 26.25 6.74
N THR A 198 19.31 27.08 7.54
CA THR A 198 19.60 27.09 8.98
C THR A 198 18.86 26.05 9.81
N TYR A 199 19.30 25.88 11.05
CA TYR A 199 18.63 24.97 11.97
C TYR A 199 17.35 25.67 12.34
N GLU A 200 17.49 26.94 12.50
CA GLU A 200 16.37 27.79 12.79
C GLU A 200 15.19 27.56 11.78
N TYR A 201 15.49 27.56 10.48
CA TYR A 201 14.38 27.41 9.53
C TYR A 201 13.79 26.03 9.62
N ALA A 202 14.64 25.05 9.87
CA ALA A 202 14.12 23.70 10.00
C ALA A 202 13.14 23.61 11.21
N ASP A 203 13.44 24.32 12.29
CA ASP A 203 12.58 24.29 13.46
C ASP A 203 11.26 25.04 13.10
N TYR A 204 11.42 26.15 12.37
CA TYR A 204 10.29 26.97 12.00
C TYR A 204 9.26 26.13 11.22
N ALA A 205 9.73 25.46 10.15
CA ALA A 205 8.88 24.62 9.29
C ALA A 205 8.20 23.50 10.10
N TYR A 206 8.96 22.84 11.00
CA TYR A 206 8.41 21.78 11.82
C TYR A 206 7.32 22.37 12.75
N LYS A 207 7.67 23.49 13.37
CA LYS A 207 6.69 24.08 14.25
C LYS A 207 5.45 24.53 13.50
N GLN A 208 5.62 25.01 12.27
CA GLN A 208 4.44 25.53 11.61
C GLN A 208 3.53 24.42 11.15
N VAL A 209 4.12 23.30 10.70
CA VAL A 209 3.25 22.24 10.27
C VAL A 209 2.58 21.58 11.49
N MET A 210 3.29 21.49 12.62
CA MET A 210 2.75 20.93 13.81
C MET A 210 1.54 21.80 14.21
N GLU A 211 1.69 23.12 14.06
CA GLU A 211 0.64 24.07 14.41
C GLU A 211 -0.56 23.83 13.46
N LEU A 212 -0.30 23.60 12.17
CA LEU A 212 -1.44 23.35 11.28
C LEU A 212 -2.17 22.06 11.70
N VAL A 213 -1.39 21.08 12.16
CA VAL A 213 -1.97 19.82 12.58
C VAL A 213 -2.82 20.05 13.84
N ASP A 214 -2.25 20.82 14.79
CA ASP A 214 -2.95 21.09 16.01
C ASP A 214 -4.21 21.93 15.86
N LEU A 215 -4.14 22.99 15.06
CA LEU A 215 -5.27 23.90 14.85
C LEU A 215 -6.34 23.39 13.92
N TYR A 216 -5.95 22.66 12.87
CA TYR A 216 -6.90 22.22 11.87
C TYR A 216 -6.99 20.75 11.53
N LEU A 217 -6.07 19.95 12.08
CA LEU A 217 -5.98 18.52 11.82
C LEU A 217 -6.38 18.25 10.36
N PRO A 218 -5.58 18.74 9.41
CA PRO A 218 -5.96 18.51 8.00
C PRO A 218 -6.00 17.08 7.49
N ASP A 219 -6.77 16.82 6.43
CA ASP A 219 -6.86 15.51 5.86
C ASP A 219 -5.71 15.11 4.93
N VAL A 220 -4.91 16.10 4.58
CA VAL A 220 -3.77 15.93 3.70
C VAL A 220 -2.75 16.96 4.08
N LEU A 221 -1.50 16.50 4.21
CA LEU A 221 -0.39 17.40 4.46
C LEU A 221 0.28 17.40 3.11
N TRP A 222 0.13 18.50 2.38
CA TRP A 222 0.72 18.55 1.03
C TRP A 222 1.95 19.47 1.09
N ASN A 223 3.15 18.89 1.23
CA ASN A 223 4.37 19.70 1.23
C ASN A 223 4.90 19.98 -0.20
N ASP A 224 5.61 21.08 -0.36
CA ASP A 224 6.18 21.33 -1.64
C ASP A 224 7.68 21.66 -1.52
N MET A 225 8.40 21.31 -2.56
CA MET A 225 9.82 21.60 -2.72
C MET A 225 10.79 20.93 -1.77
N GLY A 226 10.41 19.77 -1.29
CA GLY A 226 11.32 19.08 -0.41
C GLY A 226 11.27 19.66 0.99
N TRP A 227 11.93 18.97 1.92
CA TRP A 227 11.98 19.39 3.32
C TRP A 227 13.41 19.68 3.66
N PRO A 228 13.65 20.73 4.44
CA PRO A 228 15.00 21.13 4.89
C PRO A 228 15.75 19.91 5.46
N GLU A 229 16.92 19.69 4.87
CA GLU A 229 17.79 18.58 5.21
C GLU A 229 17.93 18.42 6.74
N LYS A 230 18.25 19.53 7.41
CA LYS A 230 18.40 19.49 8.82
C LYS A 230 17.15 19.07 9.52
N GLY A 231 16.00 19.20 8.87
CA GLY A 231 14.75 18.83 9.53
C GLY A 231 14.17 17.50 9.12
N LYS A 232 14.75 16.79 8.16
CA LYS A 232 14.17 15.53 7.68
C LYS A 232 13.85 14.47 8.72
N GLU A 233 14.73 14.28 9.70
CA GLU A 233 14.48 13.32 10.74
C GLU A 233 13.24 13.68 11.57
N ASP A 234 12.94 14.97 11.69
CA ASP A 234 11.79 15.41 12.42
C ASP A 234 10.52 14.81 11.85
N LEU A 235 10.52 14.56 10.54
CA LEU A 235 9.32 14.05 9.88
C LEU A 235 8.86 12.72 10.44
N LYS A 236 9.78 11.94 11.03
CA LYS A 236 9.32 10.68 11.57
C LYS A 236 8.35 10.98 12.75
N TYR A 237 8.71 12.01 13.48
CA TYR A 237 7.98 12.35 14.66
C TYR A 237 6.70 13.04 14.29
N LEU A 238 6.78 13.96 13.32
CA LEU A 238 5.62 14.73 12.87
C LEU A 238 4.57 13.78 12.22
N PHE A 239 5.01 12.85 11.34
CA PHE A 239 4.07 11.95 10.70
C PHE A 239 3.43 10.99 11.76
N ALA A 240 4.22 10.51 12.75
CA ALA A 240 3.63 9.61 13.73
C ALA A 240 2.59 10.40 14.59
N TYR A 241 2.94 11.65 14.94
CA TYR A 241 2.08 12.51 15.72
C TYR A 241 0.74 12.72 14.96
N TYR A 242 0.87 13.09 13.70
CA TYR A 242 -0.25 13.35 12.80
C TYR A 242 -1.20 12.11 12.66
N TYR A 243 -0.63 10.97 12.25
CA TYR A 243 -1.39 9.75 12.03
C TYR A 243 -1.99 9.27 13.32
N ASN A 244 -1.36 9.55 14.46
CA ASN A 244 -1.93 9.05 15.69
C ASN A 244 -3.15 9.90 16.07
N LYS A 245 -3.20 11.14 15.62
CA LYS A 245 -4.32 12.01 15.89
C LYS A 245 -5.33 11.78 14.80
N HIS A 246 -4.84 11.46 13.59
CA HIS A 246 -5.71 11.33 12.43
C HIS A 246 -5.28 10.21 11.45
N PRO A 247 -5.60 8.97 11.79
CA PRO A 247 -5.22 7.85 10.93
C PRO A 247 -5.65 7.99 9.52
N GLU A 248 -6.82 8.55 9.29
CA GLU A 248 -7.29 8.70 7.92
C GLU A 248 -6.67 9.90 7.20
N GLY A 249 -5.69 10.54 7.87
CA GLY A 249 -4.95 11.64 7.28
C GLY A 249 -4.00 11.07 6.21
N SER A 250 -3.46 11.94 5.35
CA SER A 250 -2.55 11.52 4.28
C SER A 250 -1.43 12.55 4.09
N VAL A 251 -0.36 12.11 3.44
CA VAL A 251 0.81 12.94 3.27
C VAL A 251 1.28 12.69 1.84
N ASN A 252 1.74 13.73 1.13
CA ASN A 252 2.22 13.56 -0.23
C ASN A 252 3.69 13.13 -0.31
N ASP A 253 4.30 13.22 -1.51
CA ASP A 253 5.64 12.71 -1.74
C ASP A 253 6.72 13.76 -1.95
N ARG A 254 6.51 14.97 -1.48
CA ARG A 254 7.51 15.99 -1.74
C ARG A 254 8.33 16.38 -0.49
N TRP A 255 8.58 15.44 0.40
CA TRP A 255 9.27 15.71 1.64
C TRP A 255 10.74 15.30 1.57
N GLY A 256 11.09 14.48 0.56
CA GLY A 256 12.45 13.97 0.41
C GLY A 256 12.84 12.98 1.50
N VAL A 257 11.89 12.21 2.03
CA VAL A 257 12.18 11.17 3.04
C VAL A 257 11.49 9.87 2.58
N PRO A 258 11.82 8.73 3.24
CA PRO A 258 11.23 7.44 2.88
C PRO A 258 9.74 7.37 2.78
N HIS A 259 9.00 7.96 3.67
CA HIS A 259 7.56 7.83 3.59
C HIS A 259 6.74 8.81 2.74
N TRP A 260 5.59 8.32 2.25
CA TRP A 260 4.60 9.10 1.52
C TRP A 260 3.36 8.20 1.31
N ASP A 261 2.18 8.81 1.17
CA ASP A 261 0.95 8.06 0.94
C ASP A 261 0.56 8.05 -0.52
N PHE A 262 0.93 9.10 -1.25
CA PHE A 262 0.64 9.16 -2.69
C PHE A 262 1.68 10.05 -3.35
N LYS A 263 1.99 9.74 -4.59
CA LYS A 263 2.95 10.52 -5.36
C LYS A 263 2.22 11.61 -6.19
N THR A 264 3.01 12.54 -6.71
CA THR A 264 2.42 13.67 -7.42
C THR A 264 3.11 13.92 -8.77
N ALA A 265 2.39 14.54 -9.69
CA ALA A 265 2.89 14.86 -11.05
C ALA A 265 2.37 16.25 -11.28
N GLU A 266 3.15 17.08 -11.97
CA GLU A 266 2.78 18.49 -12.20
C GLU A 266 2.93 18.84 -13.71
N TYR A 267 1.83 19.22 -14.35
CA TYR A 267 1.88 19.43 -15.82
C TYR A 267 2.63 18.20 -16.38
N HIS A 268 3.63 18.36 -17.24
CA HIS A 268 4.29 17.19 -17.79
C HIS A 268 5.19 16.40 -16.91
N VAL A 269 5.59 17.00 -15.79
CA VAL A 269 6.51 16.39 -14.85
C VAL A 269 5.97 15.24 -14.01
N ASN A 270 6.50 14.06 -14.32
CA ASN A 270 6.15 12.82 -13.64
C ASN A 270 4.78 12.27 -14.00
N TYR A 271 4.29 12.68 -15.16
CA TYR A 271 2.99 12.21 -15.62
C TYR A 271 3.14 10.79 -16.13
N PRO A 272 2.37 9.86 -15.56
CA PRO A 272 2.46 8.45 -16.00
C PRO A 272 1.78 8.18 -17.36
N GLY A 273 2.41 7.32 -18.15
CA GLY A 273 1.89 6.97 -19.47
C GLY A 273 0.97 5.78 -19.37
N ASP A 274 1.14 5.03 -18.29
CA ASP A 274 0.29 3.90 -18.07
C ASP A 274 0.03 3.75 -16.58
N LEU A 275 -0.70 2.71 -16.20
CA LEU A 275 -0.97 2.47 -14.80
C LEU A 275 0.41 2.40 -14.16
N PRO A 276 0.67 3.17 -13.07
CA PRO A 276 1.96 3.21 -12.36
C PRO A 276 2.17 2.21 -11.22
N GLY A 277 1.12 1.66 -10.64
CA GLY A 277 1.36 0.72 -9.57
C GLY A 277 1.30 1.31 -8.17
N TYR A 278 0.97 2.61 -8.07
CA TYR A 278 0.87 3.27 -6.74
C TYR A 278 -0.11 4.41 -6.89
N LYS A 279 -0.65 4.91 -5.79
CA LYS A 279 -1.57 5.98 -5.80
C LYS A 279 -0.77 7.28 -6.05
N TRP A 280 -1.32 8.13 -6.91
CA TRP A 280 -0.74 9.41 -7.32
C TRP A 280 -1.84 10.41 -7.62
N GLU A 281 -1.44 11.65 -7.87
CA GLU A 281 -2.34 12.75 -8.07
C GLU A 281 -1.65 13.72 -9.01
N PHE A 282 -2.40 14.14 -10.04
CA PHE A 282 -1.89 15.06 -11.02
C PHE A 282 -2.31 16.44 -10.62
N THR A 283 -1.42 17.40 -10.76
CA THR A 283 -1.80 18.75 -10.43
C THR A 283 -1.37 19.73 -11.55
N ARG A 284 -2.25 20.72 -11.76
CA ARG A 284 -2.08 21.81 -12.76
C ARG A 284 -3.08 22.91 -12.56
N GLY A 285 -2.77 24.06 -13.13
CA GLY A 285 -3.70 25.16 -13.02
C GLY A 285 -4.71 24.99 -14.16
N ILE A 286 -5.79 25.78 -14.13
CA ILE A 286 -6.78 25.70 -15.21
C ILE A 286 -6.04 26.38 -16.40
N GLY A 287 -5.13 27.30 -16.11
CA GLY A 287 -4.34 27.95 -17.14
C GLY A 287 -2.93 27.46 -16.87
N LEU A 288 -1.92 28.29 -17.16
CA LEU A 288 -0.51 27.93 -16.94
C LEU A 288 0.10 28.33 -15.56
N SER A 289 -0.66 29.07 -14.77
CA SER A 289 -0.21 29.56 -13.48
C SER A 289 -1.02 28.89 -12.38
N PHE A 290 -0.55 29.00 -11.13
CA PHE A 290 -1.35 28.50 -10.01
C PHE A 290 -1.94 29.77 -9.39
N GLY A 291 -1.09 30.75 -9.16
CA GLY A 291 -1.54 32.03 -8.63
C GLY A 291 -2.35 32.69 -9.76
N TYR A 292 -3.32 33.56 -9.39
CA TYR A 292 -4.12 34.27 -10.37
C TYR A 292 -3.19 35.04 -11.31
N ASN A 293 -3.45 34.91 -12.60
CA ASN A 293 -2.66 35.64 -13.58
C ASN A 293 -3.62 36.48 -14.44
N ARG A 294 -3.54 37.81 -14.35
CA ARG A 294 -4.44 38.60 -15.18
C ARG A 294 -4.17 38.49 -16.71
N ASN A 295 -2.96 38.10 -17.11
CA ASN A 295 -2.58 37.93 -18.50
C ASN A 295 -3.14 36.69 -19.15
N GLU A 296 -3.80 35.82 -18.42
CA GLU A 296 -4.25 34.65 -19.13
C GLU A 296 -5.64 34.86 -19.62
N GLY A 297 -5.88 34.37 -20.83
CA GLY A 297 -7.18 34.45 -21.43
C GLY A 297 -7.60 33.03 -21.69
N PRO A 298 -8.70 32.86 -22.41
CA PRO A 298 -9.11 31.48 -22.68
C PRO A 298 -8.08 30.71 -23.49
N GLU A 299 -7.30 31.40 -24.31
CA GLU A 299 -6.28 30.72 -25.12
C GLU A 299 -5.33 29.98 -24.20
N HIS A 300 -5.21 30.46 -22.97
CA HIS A 300 -4.28 29.81 -22.03
C HIS A 300 -4.85 28.74 -21.12
N MET A 301 -6.17 28.59 -21.12
CA MET A 301 -6.86 27.64 -20.28
C MET A 301 -7.40 26.39 -20.91
N LEU A 302 -7.63 25.38 -20.08
CA LEU A 302 -8.22 24.15 -20.55
C LEU A 302 -9.70 24.46 -20.78
N SER A 303 -10.27 23.77 -21.75
CA SER A 303 -11.70 23.94 -21.99
C SER A 303 -12.34 22.84 -21.13
N VAL A 304 -13.64 22.97 -20.92
CA VAL A 304 -14.38 21.97 -20.16
C VAL A 304 -14.09 20.59 -20.71
N GLU A 305 -14.20 20.44 -22.03
CA GLU A 305 -13.93 19.17 -22.69
C GLU A 305 -12.54 18.68 -22.30
N GLN A 306 -11.53 19.53 -22.39
CA GLN A 306 -10.16 19.15 -21.99
C GLN A 306 -10.02 18.75 -20.51
N LEU A 307 -10.72 19.46 -19.63
CA LEU A 307 -10.75 19.13 -18.23
C LEU A 307 -11.30 17.73 -18.03
N VAL A 308 -12.40 17.43 -18.71
CA VAL A 308 -13.00 16.13 -18.58
C VAL A 308 -12.02 15.07 -19.10
N TYR A 309 -11.40 15.31 -20.23
CA TYR A 309 -10.48 14.32 -20.75
C TYR A 309 -9.30 14.12 -19.82
N THR A 310 -8.87 15.20 -19.19
CA THR A 310 -7.77 15.14 -18.25
C THR A 310 -8.10 14.22 -17.07
N LEU A 311 -9.20 14.55 -16.40
CA LEU A 311 -9.69 13.82 -15.26
C LEU A 311 -9.86 12.38 -15.56
N VAL A 312 -10.47 12.09 -16.70
CA VAL A 312 -10.70 10.70 -17.05
C VAL A 312 -9.38 9.97 -17.27
N ASP A 313 -8.45 10.59 -17.99
CA ASP A 313 -7.17 9.93 -18.22
C ASP A 313 -6.45 9.64 -16.91
N VAL A 314 -6.41 10.63 -16.02
CA VAL A 314 -5.76 10.55 -14.74
C VAL A 314 -6.38 9.45 -13.87
N VAL A 315 -7.72 9.45 -13.82
CA VAL A 315 -8.46 8.52 -13.03
C VAL A 315 -8.32 7.10 -13.46
N SER A 316 -8.19 6.91 -14.77
CA SER A 316 -8.10 5.56 -15.33
C SER A 316 -6.72 5.00 -15.12
N LYS A 317 -5.81 5.86 -14.71
CA LYS A 317 -4.44 5.45 -14.45
C LYS A 317 -4.18 5.40 -12.93
N GLY A 318 -5.26 5.41 -12.15
CA GLY A 318 -5.22 5.34 -10.72
C GLY A 318 -4.98 6.64 -9.98
N GLY A 319 -4.96 7.79 -10.64
CA GLY A 319 -4.69 8.98 -9.86
C GLY A 319 -5.90 9.80 -9.49
N ASN A 320 -5.67 10.90 -8.74
CA ASN A 320 -6.72 11.87 -8.42
C ASN A 320 -6.25 13.08 -9.22
N LEU A 321 -7.15 13.98 -9.57
CA LEU A 321 -6.78 15.21 -10.26
C LEU A 321 -6.91 16.29 -9.21
N LEU A 322 -5.85 17.04 -8.95
CA LEU A 322 -5.90 18.13 -7.96
C LEU A 322 -5.79 19.39 -8.81
N LEU A 323 -6.94 19.90 -9.24
CA LEU A 323 -7.05 21.10 -10.13
C LEU A 323 -6.95 22.42 -9.38
N ASN A 324 -6.05 23.29 -9.81
CA ASN A 324 -5.86 24.56 -9.11
C ASN A 324 -6.77 25.73 -9.56
N VAL A 325 -7.19 26.51 -8.58
CA VAL A 325 -7.93 27.71 -8.79
C VAL A 325 -7.05 28.84 -8.17
N GLY A 326 -6.88 29.91 -8.92
CA GLY A 326 -6.13 31.04 -8.45
C GLY A 326 -7.02 32.30 -8.28
N PRO A 327 -7.49 32.59 -7.03
CA PRO A 327 -8.34 33.72 -6.67
C PRO A 327 -7.65 35.07 -6.75
N LYS A 328 -8.43 36.14 -6.78
CA LYS A 328 -7.87 37.50 -6.78
C LYS A 328 -7.64 37.97 -5.35
N GLY A 329 -6.93 39.08 -5.24
CA GLY A 329 -6.60 39.69 -3.96
C GLY A 329 -7.84 39.99 -3.17
N ASP A 330 -8.96 40.25 -3.84
CA ASP A 330 -10.18 40.58 -3.14
C ASP A 330 -10.97 39.40 -2.64
N GLY A 331 -10.51 38.20 -2.98
CA GLY A 331 -11.18 36.99 -2.55
C GLY A 331 -12.18 36.44 -3.57
N THR A 332 -12.15 36.92 -4.81
CA THR A 332 -13.11 36.44 -5.79
C THR A 332 -12.48 35.47 -6.73
N ILE A 333 -13.30 34.60 -7.29
CA ILE A 333 -12.81 33.65 -8.25
C ILE A 333 -13.14 34.12 -9.69
N PRO A 334 -12.11 34.40 -10.50
CA PRO A 334 -12.34 34.85 -11.89
C PRO A 334 -13.35 33.97 -12.62
N ASP A 335 -14.24 34.61 -13.41
CA ASP A 335 -15.27 33.90 -14.20
C ASP A 335 -14.70 32.87 -15.16
N LEU A 336 -13.57 33.13 -15.77
CA LEU A 336 -13.01 32.12 -16.66
C LEU A 336 -12.80 30.82 -15.88
N GLN A 337 -12.37 30.92 -14.62
CA GLN A 337 -12.13 29.74 -13.85
C GLN A 337 -13.46 29.14 -13.33
N LYS A 338 -14.33 30.01 -12.87
CA LYS A 338 -15.62 29.56 -12.41
C LYS A 338 -16.34 28.79 -13.54
N GLU A 339 -16.37 29.34 -14.76
CA GLU A 339 -17.10 28.65 -15.85
C GLU A 339 -16.62 27.26 -15.97
N ARG A 340 -15.30 27.11 -15.97
CA ARG A 340 -14.77 25.78 -16.15
C ARG A 340 -15.05 24.80 -15.00
N LEU A 341 -15.03 25.30 -13.78
CA LEU A 341 -15.31 24.46 -12.65
C LEU A 341 -16.75 23.94 -12.78
N LEU A 342 -17.70 24.85 -13.07
CA LEU A 342 -19.10 24.44 -13.21
C LEU A 342 -19.37 23.48 -14.38
N GLY A 343 -18.68 23.66 -15.51
CA GLY A 343 -18.89 22.76 -16.64
C GLY A 343 -18.46 21.32 -16.32
N LEU A 344 -17.36 21.23 -15.57
CA LEU A 344 -16.79 19.96 -15.14
C LEU A 344 -17.79 19.33 -14.18
N GLY A 345 -18.29 20.17 -13.28
CA GLY A 345 -19.25 19.74 -12.28
C GLY A 345 -20.46 19.14 -12.96
N GLU A 346 -20.92 19.83 -13.99
CA GLU A 346 -22.04 19.35 -14.75
C GLU A 346 -21.73 17.98 -15.37
N TRP A 347 -20.53 17.77 -15.94
CA TRP A 347 -20.27 16.42 -16.51
C TRP A 347 -20.18 15.35 -15.40
N LEU A 348 -19.72 15.74 -14.21
CA LEU A 348 -19.56 14.80 -13.11
C LEU A 348 -20.89 14.43 -12.51
N ARG A 349 -21.88 15.34 -12.60
CA ARG A 349 -23.21 15.07 -12.05
C ARG A 349 -23.84 14.00 -12.89
N LYS A 350 -23.46 13.96 -14.15
CA LYS A 350 -23.98 13.02 -15.09
C LYS A 350 -23.24 11.69 -15.15
N TYR A 351 -21.92 11.71 -15.08
CA TYR A 351 -21.15 10.48 -15.21
C TYR A 351 -20.34 10.06 -13.95
N GLY A 352 -20.58 10.80 -12.86
CA GLY A 352 -19.87 10.52 -11.62
C GLY A 352 -19.64 9.06 -11.32
N ASP A 353 -20.67 8.24 -11.51
CA ASP A 353 -20.64 6.83 -11.22
C ASP A 353 -19.56 6.03 -11.92
N ALA A 354 -19.06 6.56 -13.05
CA ALA A 354 -17.95 5.89 -13.78
C ALA A 354 -16.57 6.50 -13.33
N ILE A 355 -16.62 7.44 -12.37
CA ILE A 355 -15.41 8.07 -11.89
C ILE A 355 -15.19 7.85 -10.40
N TYR A 356 -16.05 8.46 -9.59
CA TYR A 356 -15.99 8.34 -8.14
C TYR A 356 -15.93 6.89 -7.69
N GLY A 357 -15.16 6.63 -6.63
CA GLY A 357 -15.07 5.30 -6.09
C GLY A 357 -14.67 4.21 -7.06
N THR A 358 -14.06 4.53 -8.21
CA THR A 358 -13.64 3.45 -9.12
C THR A 358 -12.19 2.95 -8.84
N SER A 359 -11.80 1.85 -9.51
CA SER A 359 -10.46 1.21 -9.43
C SER A 359 -9.97 1.12 -10.84
N VAL A 360 -8.70 0.82 -11.00
CA VAL A 360 -8.11 0.71 -12.31
C VAL A 360 -8.51 -0.66 -12.83
N TRP A 361 -8.47 -0.83 -14.14
CA TRP A 361 -8.82 -2.10 -14.73
C TRP A 361 -7.48 -2.74 -15.14
N GLU A 362 -7.52 -3.74 -16.02
CA GLU A 362 -6.31 -4.40 -16.48
C GLU A 362 -5.44 -3.50 -17.34
N ARG A 363 -6.06 -2.49 -17.92
CA ARG A 363 -5.32 -1.59 -18.80
C ARG A 363 -6.06 -0.30 -18.72
N CYS A 364 -5.36 0.78 -18.92
CA CYS A 364 -6.02 2.07 -18.79
C CYS A 364 -6.64 2.55 -20.09
N CYS A 365 -6.07 2.05 -21.17
CA CYS A 365 -6.34 2.67 -22.42
C CYS A 365 -6.57 1.85 -23.66
N ALA A 366 -7.34 2.43 -24.58
CA ALA A 366 -7.63 1.81 -25.88
C ALA A 366 -7.99 2.96 -26.80
N LYS A 367 -8.09 2.68 -28.10
CA LYS A 367 -8.50 3.72 -29.07
C LYS A 367 -9.34 3.08 -30.19
N THR A 368 -10.27 3.86 -30.75
CA THR A 368 -11.07 3.33 -31.84
C THR A 368 -10.31 3.26 -33.17
N GLU A 369 -10.86 2.47 -34.08
CA GLU A 369 -10.30 2.30 -35.43
C GLU A 369 -10.00 3.65 -36.09
N ASP A 370 -10.78 4.68 -35.79
CA ASP A 370 -10.53 5.97 -36.39
C ASP A 370 -9.88 6.94 -35.40
N GLY A 371 -9.26 6.38 -34.36
CA GLY A 371 -8.52 7.21 -33.41
C GLY A 371 -9.13 7.86 -32.19
N THR A 372 -10.36 7.52 -31.86
CA THR A 372 -10.97 8.10 -30.68
C THR A 372 -10.35 7.35 -29.48
N GLU A 373 -9.75 8.14 -28.58
CA GLU A 373 -9.12 7.56 -27.43
C GLU A 373 -10.20 7.06 -26.44
N ILE A 374 -9.90 5.93 -25.82
CA ILE A 374 -10.78 5.33 -24.85
C ILE A 374 -10.05 5.02 -23.54
N ARG A 375 -10.72 5.35 -22.44
CA ARG A 375 -10.18 5.09 -21.10
C ARG A 375 -11.15 4.20 -20.33
N PHE A 376 -10.61 3.29 -19.54
CA PHE A 376 -11.38 2.36 -18.73
C PHE A 376 -11.31 2.61 -17.18
N THR A 377 -12.43 2.41 -16.46
CA THR A 377 -12.42 2.44 -15.02
C THR A 377 -13.26 1.23 -14.64
N ARG A 378 -13.24 0.87 -13.35
CA ARG A 378 -13.93 -0.31 -12.85
C ARG A 378 -14.63 -0.17 -11.48
N LYS A 379 -15.57 -1.06 -11.24
CA LYS A 379 -16.28 -1.15 -9.97
C LYS A 379 -16.72 -2.59 -9.92
N CYS A 380 -15.96 -3.39 -9.19
CA CYS A 380 -16.23 -4.81 -9.04
C CYS A 380 -16.24 -5.39 -10.42
N ASN A 381 -17.36 -5.99 -10.81
CA ASN A 381 -17.57 -6.64 -12.12
C ASN A 381 -17.93 -5.67 -13.27
N ARG A 382 -18.29 -4.44 -12.95
CA ARG A 382 -18.67 -3.46 -13.98
C ARG A 382 -17.51 -2.64 -14.54
N ILE A 383 -17.36 -2.70 -15.85
CA ILE A 383 -16.30 -1.96 -16.50
C ILE A 383 -16.82 -0.83 -17.32
N PHE A 384 -16.41 0.37 -16.94
CA PHE A 384 -16.81 1.58 -17.63
C PHE A 384 -15.89 1.84 -18.81
N VAL A 385 -16.47 2.13 -19.99
CA VAL A 385 -15.70 2.44 -21.19
C VAL A 385 -15.98 3.91 -21.52
N ILE A 386 -14.96 4.77 -21.35
CA ILE A 386 -15.10 6.19 -21.57
C ILE A 386 -14.34 6.62 -22.83
N PHE A 387 -15.10 7.14 -23.80
CA PHE A 387 -14.57 7.62 -25.08
C PHE A 387 -14.30 9.10 -24.84
N LEU A 388 -13.11 9.56 -25.20
CA LEU A 388 -12.81 10.95 -24.98
C LEU A 388 -13.39 11.60 -26.23
N GLY A 389 -14.67 11.91 -26.19
CA GLY A 389 -15.33 12.48 -27.35
C GLY A 389 -16.46 11.56 -27.73
N ILE A 390 -17.34 12.01 -28.61
CA ILE A 390 -18.50 11.19 -28.99
C ILE A 390 -18.47 10.80 -30.44
N PRO A 391 -18.29 9.49 -30.75
CA PRO A 391 -18.25 9.03 -32.14
C PRO A 391 -19.46 9.49 -32.94
N THR A 392 -19.26 9.73 -34.24
CA THR A 392 -20.35 10.19 -35.12
C THR A 392 -21.14 9.06 -35.74
N GLY A 393 -20.50 7.95 -36.04
CA GLY A 393 -21.27 6.87 -36.61
C GLY A 393 -21.70 5.91 -35.55
N GLU A 394 -22.52 4.93 -35.91
CA GLU A 394 -22.98 3.96 -34.93
C GLU A 394 -22.13 2.69 -34.86
N LYS A 395 -21.43 2.35 -35.93
CA LYS A 395 -20.60 1.15 -35.89
C LYS A 395 -19.33 1.61 -35.19
N ILE A 396 -18.92 0.89 -34.16
CA ILE A 396 -17.74 1.35 -33.48
C ILE A 396 -16.73 0.24 -33.35
N VAL A 397 -15.51 0.50 -33.81
CA VAL A 397 -14.47 -0.50 -33.71
C VAL A 397 -13.36 -0.10 -32.75
N ILE A 398 -13.23 -0.88 -31.69
CA ILE A 398 -12.22 -0.68 -30.66
C ILE A 398 -11.03 -1.54 -31.02
N GLU A 399 -9.89 -0.90 -31.24
CA GLU A 399 -8.68 -1.62 -31.56
C GLU A 399 -8.10 -2.38 -30.36
N ASP A 400 -7.67 -3.61 -30.62
CA ASP A 400 -7.03 -4.44 -29.62
C ASP A 400 -7.73 -4.58 -28.29
N LEU A 401 -8.98 -5.05 -28.34
CA LEU A 401 -9.77 -5.30 -27.15
C LEU A 401 -10.71 -6.44 -27.46
N ASN A 402 -10.87 -7.35 -26.51
CA ASN A 402 -11.81 -8.48 -26.65
C ASN A 402 -12.58 -8.36 -25.33
N LEU A 403 -13.84 -8.74 -25.32
CA LEU A 403 -14.59 -8.68 -24.08
C LEU A 403 -15.19 -10.04 -23.84
N SER A 404 -15.31 -10.38 -22.57
CA SER A 404 -15.84 -11.65 -22.12
C SER A 404 -16.87 -11.27 -21.08
N ALA A 405 -17.79 -10.41 -21.50
CA ALA A 405 -18.83 -9.95 -20.60
C ALA A 405 -20.19 -10.48 -21.06
N GLY A 406 -20.32 -10.72 -22.36
CA GLY A 406 -21.61 -11.17 -22.86
C GLY A 406 -22.62 -10.03 -22.85
N THR A 407 -22.46 -9.03 -21.97
CA THR A 407 -23.40 -7.88 -21.90
C THR A 407 -22.86 -6.45 -21.68
N VAL A 408 -22.88 -5.64 -22.75
CA VAL A 408 -22.44 -4.24 -22.76
C VAL A 408 -23.65 -3.30 -22.83
N ARG A 409 -23.74 -2.27 -21.97
CA ARG A 409 -24.87 -1.33 -21.98
C ARG A 409 -24.40 0.08 -22.21
N HIS A 410 -25.34 0.94 -22.62
CA HIS A 410 -25.08 2.35 -22.85
C HIS A 410 -25.31 2.95 -21.44
N PHE A 411 -24.25 3.54 -20.90
CA PHE A 411 -24.28 4.05 -19.57
C PHE A 411 -25.37 5.01 -19.22
N LEU A 412 -25.65 6.00 -20.06
CA LEU A 412 -26.68 6.93 -19.66
C LEU A 412 -28.13 6.39 -19.67
N THR A 413 -28.43 5.55 -20.66
CA THR A 413 -29.79 5.03 -20.78
C THR A 413 -29.96 3.65 -20.14
N GLY A 414 -28.90 2.86 -20.13
CA GLY A 414 -28.98 1.55 -19.56
C GLY A 414 -29.25 0.58 -20.68
N GLU A 415 -29.58 1.14 -21.83
CA GLU A 415 -29.87 0.36 -23.03
C GLU A 415 -28.76 -0.60 -23.39
N ARG A 416 -29.13 -1.88 -23.36
CA ARG A 416 -28.26 -2.98 -23.70
C ARG A 416 -27.87 -2.73 -25.18
N LEU A 417 -26.66 -3.08 -25.57
CA LEU A 417 -26.22 -2.84 -26.95
C LEU A 417 -25.67 -4.09 -27.61
N SER A 418 -25.58 -4.01 -28.93
CA SER A 418 -25.12 -5.13 -29.73
C SER A 418 -23.62 -5.10 -29.95
N PHE A 419 -22.95 -6.21 -29.63
CA PHE A 419 -21.50 -6.26 -29.78
C PHE A 419 -20.97 -7.67 -30.04
N LYS A 420 -19.79 -7.72 -30.68
CA LYS A 420 -19.12 -8.98 -30.91
C LYS A 420 -17.60 -8.79 -31.02
N ASN A 421 -16.86 -9.78 -30.53
CA ASN A 421 -15.41 -9.82 -30.59
C ASN A 421 -15.14 -10.21 -32.05
N VAL A 422 -14.56 -9.28 -32.80
CA VAL A 422 -14.27 -9.50 -34.20
C VAL A 422 -12.75 -9.50 -34.39
N GLY A 423 -12.12 -10.66 -34.20
CA GLY A 423 -10.66 -10.71 -34.32
C GLY A 423 -10.05 -10.08 -33.07
N LYS A 424 -8.93 -9.39 -33.25
CA LYS A 424 -8.25 -8.74 -32.13
C LYS A 424 -9.00 -7.46 -31.66
N ASN A 425 -10.17 -7.23 -32.26
CA ASN A 425 -10.97 -6.05 -31.95
C ASN A 425 -12.31 -6.36 -31.39
N LEU A 426 -12.97 -5.30 -30.95
CA LEU A 426 -14.32 -5.37 -30.39
C LEU A 426 -15.25 -4.46 -31.18
N GLU A 427 -16.30 -5.00 -31.76
CA GLU A 427 -17.20 -4.15 -32.50
C GLU A 427 -18.53 -3.98 -31.76
N ILE A 428 -19.04 -2.76 -31.77
CA ILE A 428 -20.28 -2.42 -31.07
C ILE A 428 -21.09 -1.40 -31.89
N THR A 429 -22.40 -1.51 -31.76
CA THR A 429 -23.32 -0.62 -32.47
C THR A 429 -24.04 0.31 -31.49
N VAL A 430 -23.79 1.60 -31.62
CA VAL A 430 -24.47 2.50 -30.74
C VAL A 430 -25.38 3.39 -31.57
N PRO A 431 -26.70 3.22 -31.40
CA PRO A 431 -27.76 3.97 -32.08
C PRO A 431 -27.53 5.43 -31.87
N LYS A 432 -27.52 6.18 -32.97
CA LYS A 432 -27.29 7.61 -32.88
C LYS A 432 -28.20 8.31 -31.89
N LYS A 433 -29.39 7.78 -31.61
CA LYS A 433 -30.22 8.46 -30.62
C LYS A 433 -29.58 8.44 -29.22
N LEU A 434 -28.80 7.40 -28.91
CA LEU A 434 -28.13 7.30 -27.60
C LEU A 434 -26.92 8.23 -27.68
N LEU A 435 -26.12 7.98 -28.71
CA LEU A 435 -24.95 8.82 -28.99
C LEU A 435 -25.36 10.27 -28.86
N GLU A 436 -26.57 10.57 -29.28
CA GLU A 436 -27.03 11.94 -29.22
C GLU A 436 -27.37 12.41 -27.82
N THR A 437 -27.39 11.50 -26.85
CA THR A 437 -27.71 11.93 -25.48
C THR A 437 -26.47 12.20 -24.59
N ASP A 438 -25.33 11.65 -25.00
CA ASP A 438 -24.10 11.85 -24.23
C ASP A 438 -23.56 13.26 -24.26
N SER A 439 -22.89 13.68 -23.18
CA SER A 439 -22.36 15.03 -23.18
C SER A 439 -20.98 15.20 -23.78
N ILE A 440 -19.92 14.83 -23.09
CA ILE A 440 -18.66 15.14 -23.78
C ILE A 440 -17.97 13.84 -24.15
N THR A 441 -18.48 12.81 -23.51
CA THR A 441 -17.96 11.48 -23.60
C THR A 441 -19.08 10.46 -23.85
N LEU A 442 -18.80 9.50 -24.73
CA LEU A 442 -19.69 8.40 -24.95
C LEU A 442 -19.24 7.47 -23.82
N VAL A 443 -20.17 7.05 -22.95
CA VAL A 443 -19.78 6.10 -21.90
C VAL A 443 -20.55 4.78 -22.00
N LEU A 444 -19.82 3.70 -22.20
CA LEU A 444 -20.45 2.42 -22.22
C LEU A 444 -20.11 1.73 -20.89
N GLU A 445 -20.86 0.66 -20.58
CA GLU A 445 -20.72 -0.09 -19.33
C GLU A 445 -20.78 -1.56 -19.62
N ALA A 446 -19.67 -2.27 -19.49
CA ALA A 446 -19.61 -3.70 -19.76
C ALA A 446 -19.68 -4.43 -18.43
N VAL A 447 -20.00 -5.71 -18.50
CA VAL A 447 -20.19 -6.52 -17.31
C VAL A 447 -19.85 -7.96 -17.64
N GLU A 448 -18.74 -8.45 -17.10
CA GLU A 448 -18.33 -9.84 -17.37
C GLU A 448 -18.88 -10.85 -16.34
N ARG B 7 11.39 1.23 -13.46
CA ARG B 7 12.58 0.83 -12.67
C ARG B 7 12.64 1.41 -11.27
N TYR B 8 12.75 0.55 -10.26
CA TYR B 8 12.91 1.01 -8.90
C TYR B 8 14.36 1.45 -8.73
N LYS B 9 14.59 2.56 -8.03
CA LYS B 9 15.93 3.02 -7.77
C LYS B 9 16.30 2.52 -6.41
N PRO B 10 17.60 2.41 -6.13
CA PRO B 10 18.05 1.92 -4.81
C PRO B 10 17.84 2.93 -3.66
N ASP B 11 16.62 3.33 -3.41
CA ASP B 11 16.42 4.15 -2.23
C ASP B 11 15.08 3.88 -1.64
N TRP B 12 15.00 3.95 -0.33
CA TRP B 12 13.76 3.65 0.38
C TRP B 12 12.52 4.36 -0.17
N GLU B 13 12.66 5.64 -0.53
CA GLU B 13 11.57 6.43 -1.07
C GLU B 13 11.05 5.81 -2.36
N SER B 14 11.97 5.46 -3.23
CA SER B 14 11.62 4.84 -4.47
C SER B 14 11.05 3.43 -4.25
N LEU B 15 11.71 2.63 -3.41
CA LEU B 15 11.22 1.28 -3.15
C LEU B 15 9.81 1.25 -2.55
N ARG B 16 9.39 2.30 -1.83
CA ARG B 16 8.03 2.31 -1.28
C ARG B 16 6.99 2.17 -2.43
N GLU B 17 7.36 2.53 -3.66
CA GLU B 17 6.48 2.37 -4.83
C GLU B 17 6.08 0.94 -5.02
N HIS B 18 6.87 0.00 -4.50
CA HIS B 18 6.51 -1.39 -4.65
C HIS B 18 5.64 -1.86 -3.48
N THR B 19 4.44 -2.34 -3.75
CA THR B 19 3.58 -2.83 -2.66
C THR B 19 3.28 -4.30 -2.77
N VAL B 20 2.63 -4.86 -1.76
CA VAL B 20 2.46 -6.30 -1.84
C VAL B 20 1.77 -6.68 -3.15
N PRO B 21 2.35 -7.61 -3.93
CA PRO B 21 1.67 -7.98 -5.18
C PRO B 21 0.31 -8.65 -4.95
N LYS B 22 -0.60 -8.49 -5.93
CA LYS B 22 -1.96 -9.07 -5.87
C LYS B 22 -1.99 -10.55 -5.52
N TRP B 23 -1.13 -11.31 -6.17
CA TRP B 23 -1.12 -12.72 -5.96
C TRP B 23 -0.87 -13.08 -4.54
N PHE B 24 -0.01 -12.33 -3.86
CA PHE B 24 0.27 -12.66 -2.47
C PHE B 24 -0.95 -12.27 -1.63
N ASP B 25 -1.53 -11.10 -1.87
CA ASP B 25 -2.73 -10.73 -1.13
C ASP B 25 -3.92 -11.72 -1.27
N LYS B 26 -4.13 -12.24 -2.47
CA LYS B 26 -5.24 -13.16 -2.77
C LYS B 26 -5.03 -14.60 -2.35
N ALA B 27 -3.76 -15.01 -2.22
CA ALA B 27 -3.40 -16.38 -1.89
C ALA B 27 -3.83 -16.91 -0.53
N LYS B 28 -3.75 -16.08 0.49
CA LYS B 28 -4.19 -16.48 1.83
C LYS B 28 -3.52 -17.60 2.52
N PHE B 29 -3.02 -18.60 1.79
CA PHE B 29 -2.42 -19.77 2.45
C PHE B 29 -1.17 -20.30 1.78
N GLY B 30 -0.07 -20.38 2.54
CA GLY B 30 1.17 -20.89 1.98
C GLY B 30 1.78 -21.91 2.94
N ILE B 31 2.69 -22.77 2.46
CA ILE B 31 3.37 -23.75 3.26
C ILE B 31 4.85 -23.32 3.50
N PHE B 32 5.26 -23.32 4.78
CA PHE B 32 6.62 -23.07 5.25
C PHE B 32 7.25 -24.45 5.42
N ILE B 33 8.54 -24.59 5.11
CA ILE B 33 9.22 -25.85 5.31
C ILE B 33 10.56 -25.65 6.02
N HIS B 34 10.67 -26.07 7.26
CA HIS B 34 11.94 -25.98 7.95
C HIS B 34 12.53 -27.38 7.84
N TRP B 35 13.55 -27.49 7.02
CA TRP B 35 14.17 -28.77 6.78
C TRP B 35 15.65 -28.56 6.70
N GLY B 36 16.39 -29.31 7.50
CA GLY B 36 17.84 -29.16 7.48
C GLY B 36 18.48 -30.28 8.27
N ILE B 37 19.78 -30.22 8.56
CA ILE B 37 20.43 -31.30 9.25
C ILE B 37 19.93 -31.44 10.65
N TYR B 38 19.23 -30.43 11.15
CA TYR B 38 18.67 -30.53 12.49
C TYR B 38 17.51 -31.53 12.42
N SER B 39 17.00 -31.75 11.23
CA SER B 39 15.92 -32.73 11.05
C SER B 39 16.38 -34.18 11.39
N VAL B 40 17.70 -34.42 11.38
CA VAL B 40 18.16 -35.75 11.65
C VAL B 40 17.92 -36.01 13.12
N PRO B 41 18.56 -35.26 14.00
CA PRO B 41 18.18 -35.68 15.36
C PRO B 41 16.66 -35.50 15.62
N GLY B 42 16.02 -34.51 14.97
CA GLY B 42 14.59 -34.24 15.12
C GLY B 42 14.08 -34.30 16.55
N TRP B 43 14.75 -33.59 17.46
CA TRP B 43 14.39 -33.65 18.90
C TRP B 43 14.31 -32.29 19.64
N ALA B 44 13.24 -32.11 20.39
CA ALA B 44 13.04 -30.91 21.23
C ALA B 44 12.05 -31.22 22.41
N THR B 45 12.23 -30.49 23.50
CA THR B 45 11.28 -30.67 24.58
C THR B 45 10.07 -29.77 24.17
N PRO B 46 8.86 -30.36 23.98
CA PRO B 46 7.71 -29.53 23.58
C PRO B 46 7.13 -28.71 24.73
N THR B 47 7.84 -27.66 25.11
CA THR B 47 7.47 -26.87 26.25
C THR B 47 6.20 -26.05 26.14
N GLY B 48 5.99 -25.41 24.99
CA GLY B 48 4.81 -24.58 24.85
C GLY B 48 4.99 -23.68 23.66
N GLU B 49 4.09 -22.71 23.54
CA GLU B 49 4.05 -21.75 22.44
C GLU B 49 4.84 -20.47 22.68
N LEU B 50 5.42 -19.94 21.60
CA LEU B 50 6.19 -18.69 21.68
C LEU B 50 5.23 -17.58 22.09
N GLY B 51 5.63 -16.83 23.08
CA GLY B 51 4.77 -15.79 23.61
C GLY B 51 4.26 -16.25 24.96
N LYS B 52 4.19 -17.56 25.23
CA LYS B 52 3.66 -18.03 26.54
C LYS B 52 4.69 -18.67 27.48
N VAL B 53 5.79 -19.17 26.92
CA VAL B 53 6.84 -19.77 27.75
C VAL B 53 7.72 -18.64 28.20
N PRO B 54 8.04 -18.57 29.51
CA PRO B 54 8.91 -17.52 30.07
C PRO B 54 10.29 -17.50 29.38
N MET B 55 10.66 -16.30 28.93
CA MET B 55 11.90 -16.15 28.20
C MET B 55 13.18 -16.47 28.95
N ASP B 56 13.09 -16.58 30.28
CA ASP B 56 14.26 -16.99 31.07
C ASP B 56 14.34 -18.50 31.09
N ALA B 57 13.37 -19.17 30.51
CA ALA B 57 13.46 -20.60 30.44
C ALA B 57 13.57 -21.06 28.97
N TRP B 58 12.93 -20.30 28.09
CA TRP B 58 12.82 -20.62 26.68
C TRP B 58 14.02 -21.27 25.98
N PHE B 59 15.19 -20.61 26.00
CA PHE B 59 16.33 -21.18 25.34
C PHE B 59 16.88 -22.44 26.00
N PHE B 60 16.54 -22.66 27.26
CA PHE B 60 17.02 -23.82 28.03
C PHE B 60 16.18 -25.09 27.81
N GLN B 61 14.96 -24.92 27.29
CA GLN B 61 13.98 -25.99 26.99
C GLN B 61 13.27 -25.52 25.74
N ASN B 62 14.06 -25.26 24.73
CA ASN B 62 13.57 -24.78 23.48
C ASN B 62 12.66 -25.77 22.72
N PRO B 63 11.40 -25.42 22.49
CA PRO B 63 10.50 -26.32 21.74
C PRO B 63 10.76 -26.34 20.18
N TYR B 64 11.56 -25.39 19.68
CA TYR B 64 11.92 -25.27 18.27
C TYR B 64 13.07 -26.24 18.00
N ALA B 65 12.76 -27.42 17.46
CA ALA B 65 13.81 -28.44 17.20
C ALA B 65 14.87 -27.96 16.23
N GLU B 66 14.52 -27.03 15.32
CA GLU B 66 15.58 -26.50 14.44
C GLU B 66 16.68 -25.75 15.29
N TRP B 67 16.44 -25.45 16.58
CA TRP B 67 17.44 -24.77 17.42
C TRP B 67 18.34 -25.78 18.15
N TYR B 68 18.26 -27.02 17.71
CA TYR B 68 18.99 -28.09 18.31
C TYR B 68 20.47 -27.74 18.61
N GLU B 69 21.19 -27.20 17.62
CA GLU B 69 22.57 -26.85 17.83
C GLU B 69 22.79 -25.81 18.97
N ASN B 70 21.97 -24.78 18.98
CA ASN B 70 22.07 -23.80 20.06
C ASN B 70 21.83 -24.53 21.43
N SER B 71 20.75 -25.32 21.50
CA SER B 71 20.46 -26.10 22.70
C SER B 71 21.64 -27.02 23.04
N LEU B 72 22.28 -27.61 22.04
CA LEU B 72 23.39 -28.52 22.30
C LEU B 72 24.57 -27.80 22.92
N ARG B 73 24.71 -26.53 22.56
CA ARG B 73 25.79 -25.74 23.09
C ARG B 73 25.58 -25.37 24.58
N ILE B 74 24.36 -25.52 25.09
CA ILE B 74 24.11 -25.23 26.51
C ILE B 74 24.25 -26.58 27.26
N LYS B 75 25.40 -26.79 27.89
CA LYS B 75 25.68 -28.02 28.63
C LYS B 75 24.53 -28.33 29.62
N GLU B 76 24.21 -29.59 29.77
CA GLU B 76 23.11 -29.89 30.67
C GLU B 76 21.85 -29.01 30.37
N SER B 77 21.27 -29.28 29.22
CA SER B 77 20.05 -28.64 28.82
C SER B 77 19.42 -29.99 28.41
N PRO B 78 18.11 -30.05 28.33
CA PRO B 78 17.60 -31.36 27.92
C PRO B 78 18.33 -31.88 26.67
N THR B 79 18.56 -31.00 25.70
CA THR B 79 19.21 -31.37 24.45
C THR B 79 20.62 -31.94 24.62
N TRP B 80 21.43 -31.31 25.46
CA TRP B 80 22.76 -31.80 25.68
C TRP B 80 22.72 -33.25 26.20
N GLU B 81 21.91 -33.48 27.23
CA GLU B 81 21.76 -34.79 27.86
C GLU B 81 21.25 -35.81 26.86
N TYR B 82 20.21 -35.44 26.13
CA TYR B 82 19.68 -36.32 25.13
C TYR B 82 20.73 -36.72 24.09
N HIS B 83 21.45 -35.71 23.63
CA HIS B 83 22.44 -35.89 22.60
C HIS B 83 23.58 -36.83 22.99
N VAL B 84 24.12 -36.58 24.17
CA VAL B 84 25.20 -37.36 24.70
C VAL B 84 24.78 -38.81 24.90
N LYS B 85 23.56 -39.03 25.37
CA LYS B 85 23.06 -40.37 25.56
C LYS B 85 22.86 -41.04 24.20
N THR B 86 22.33 -40.30 23.22
CA THR B 86 22.03 -40.87 21.90
C THR B 86 23.20 -40.96 20.91
N TYR B 87 24.05 -39.95 20.91
CA TYR B 87 25.11 -39.88 19.92
C TYR B 87 26.51 -39.90 20.48
N GLY B 88 26.63 -39.54 21.75
CA GLY B 88 27.93 -39.48 22.38
C GLY B 88 28.41 -38.06 22.35
N GLU B 89 29.39 -37.78 23.19
CA GLU B 89 30.00 -36.46 23.30
C GLU B 89 30.91 -36.15 22.12
N ASN B 90 31.59 -37.18 21.58
CA ASN B 90 32.50 -37.02 20.43
C ASN B 90 31.69 -36.89 19.14
N PHE B 91 30.45 -36.42 19.23
CA PHE B 91 29.65 -36.32 18.04
C PHE B 91 29.15 -34.87 17.89
N GLU B 92 29.91 -34.07 17.12
CA GLU B 92 29.58 -32.67 16.87
C GLU B 92 28.38 -32.57 16.01
N TYR B 93 27.64 -31.48 16.22
CA TYR B 93 26.44 -31.14 15.47
C TYR B 93 26.61 -31.20 13.93
N GLU B 94 27.72 -30.66 13.42
CA GLU B 94 28.01 -30.60 11.99
C GLU B 94 27.97 -31.99 11.32
N LYS B 95 28.31 -33.02 12.09
CA LYS B 95 28.31 -34.43 11.64
C LYS B 95 26.92 -34.80 11.07
N PHE B 96 25.87 -34.12 11.54
CA PHE B 96 24.51 -34.39 11.02
C PHE B 96 24.37 -34.02 9.54
N ALA B 97 25.25 -33.15 9.04
CA ALA B 97 25.22 -32.80 7.60
C ALA B 97 25.49 -34.06 6.74
N ASP B 98 26.25 -34.96 7.31
CA ASP B 98 26.57 -36.18 6.59
C ASP B 98 25.48 -37.20 6.75
N LEU B 99 24.77 -37.19 7.87
CA LEU B 99 23.68 -38.15 8.05
C LEU B 99 22.42 -37.66 7.34
N PHE B 100 22.42 -36.39 6.89
CA PHE B 100 21.27 -35.81 6.21
C PHE B 100 21.19 -36.29 4.72
N THR B 101 20.58 -37.46 4.50
CA THR B 101 20.59 -38.01 3.15
C THR B 101 19.36 -37.93 2.25
N ALA B 102 18.21 -37.54 2.81
CA ALA B 102 16.99 -37.32 2.02
C ALA B 102 16.74 -38.46 1.02
N GLU B 103 16.95 -39.66 1.53
CA GLU B 103 16.87 -40.92 0.80
C GLU B 103 15.54 -41.16 0.16
N LYS B 104 14.48 -40.76 0.83
CA LYS B 104 13.14 -40.94 0.36
C LYS B 104 12.50 -39.68 -0.17
N TRP B 105 13.28 -38.62 -0.32
CA TRP B 105 12.75 -37.38 -0.84
C TRP B 105 12.22 -37.43 -2.25
N ASP B 106 11.05 -36.87 -2.47
CA ASP B 106 10.46 -36.79 -3.80
C ASP B 106 9.77 -35.40 -3.87
N PRO B 107 10.47 -34.41 -4.43
CA PRO B 107 9.89 -33.06 -4.52
C PRO B 107 8.52 -32.95 -5.16
N GLN B 108 8.22 -33.78 -6.16
CA GLN B 108 6.88 -33.72 -6.80
C GLN B 108 5.82 -34.26 -5.87
N GLU B 109 6.15 -35.26 -5.08
CA GLU B 109 5.15 -35.72 -4.11
C GLU B 109 4.86 -34.53 -3.12
N TRP B 110 5.91 -33.83 -2.67
CA TRP B 110 5.73 -32.71 -1.73
C TRP B 110 4.82 -31.67 -2.37
N ALA B 111 5.17 -31.26 -3.57
CA ALA B 111 4.39 -30.27 -4.25
C ALA B 111 2.92 -30.73 -4.49
N ASP B 112 2.71 -32.02 -4.76
CA ASP B 112 1.35 -32.52 -4.95
C ASP B 112 0.59 -32.36 -3.66
N LEU B 113 1.22 -32.78 -2.58
CA LEU B 113 0.64 -32.71 -1.26
C LEU B 113 0.24 -31.27 -0.88
N PHE B 114 1.10 -30.31 -1.16
CA PHE B 114 0.85 -28.90 -0.80
C PHE B 114 -0.30 -28.32 -1.62
N LYS B 115 -0.37 -28.74 -2.88
CA LYS B 115 -1.46 -28.31 -3.73
C LYS B 115 -2.79 -28.92 -3.20
N LYS B 116 -2.78 -30.19 -2.82
CA LYS B 116 -3.99 -30.80 -2.28
C LYS B 116 -4.45 -30.07 -1.01
N ALA B 117 -3.47 -29.68 -0.19
CA ALA B 117 -3.71 -28.97 1.08
C ALA B 117 -4.33 -27.55 0.84
N GLY B 118 -4.26 -27.08 -0.41
CA GLY B 118 -4.83 -25.81 -0.75
C GLY B 118 -3.81 -24.70 -0.61
N ALA B 119 -2.50 -24.98 -0.48
CA ALA B 119 -1.54 -23.88 -0.36
C ALA B 119 -1.29 -23.27 -1.73
N LYS B 120 -1.05 -21.98 -1.78
CA LYS B 120 -0.84 -21.38 -3.09
C LYS B 120 0.62 -20.97 -3.28
N TYR B 121 1.40 -21.10 -2.21
CA TYR B 121 2.82 -20.81 -2.29
C TYR B 121 3.58 -21.65 -1.29
N VAL B 122 4.86 -21.85 -1.58
CA VAL B 122 5.75 -22.66 -0.76
C VAL B 122 7.08 -21.97 -0.48
N ILE B 123 7.55 -22.06 0.77
CA ILE B 123 8.81 -21.40 1.15
C ILE B 123 9.67 -22.25 2.07
N PRO B 124 10.73 -22.86 1.50
CA PRO B 124 11.66 -23.69 2.28
C PRO B 124 12.79 -22.87 2.87
N THR B 125 13.36 -23.39 3.94
CA THR B 125 14.50 -22.77 4.59
C THR B 125 15.73 -23.03 3.66
N THR B 126 16.26 -22.00 3.01
CA THR B 126 17.45 -22.22 2.17
C THR B 126 18.71 -22.32 3.09
N LYS B 127 18.65 -21.62 4.23
CA LYS B 127 19.71 -21.60 5.27
C LYS B 127 19.11 -21.12 6.57
N HIS B 128 19.09 -21.98 7.56
CA HIS B 128 18.56 -21.59 8.87
C HIS B 128 19.73 -21.14 9.74
N HIS B 129 19.48 -20.92 11.04
CA HIS B 129 20.50 -20.40 11.96
C HIS B 129 21.84 -21.14 12.02
N ASP B 130 21.82 -22.46 11.78
CA ASP B 130 23.00 -23.29 11.83
C ASP B 130 23.92 -23.12 10.60
N GLY B 131 23.52 -22.24 9.67
CA GLY B 131 24.35 -21.94 8.52
C GLY B 131 24.47 -22.94 7.41
N PHE B 132 23.81 -24.09 7.53
CA PHE B 132 23.88 -25.13 6.49
C PHE B 132 22.95 -24.75 5.28
N CYS B 133 23.52 -24.73 4.07
CA CYS B 133 22.75 -24.31 2.90
C CYS B 133 22.15 -25.45 2.05
N LEU B 134 20.88 -25.33 1.69
CA LEU B 134 20.32 -26.43 0.92
C LEU B 134 20.26 -26.21 -0.61
N TRP B 135 21.20 -25.42 -1.16
CA TRP B 135 21.36 -25.21 -2.62
C TRP B 135 22.89 -25.23 -2.84
N GLY B 136 23.38 -25.45 -4.05
CA GLY B 136 24.83 -25.51 -4.19
C GLY B 136 25.47 -24.13 -4.23
N THR B 137 25.46 -23.43 -3.10
CA THR B 137 26.04 -22.08 -3.08
C THR B 137 27.53 -22.13 -3.33
N LYS B 138 28.08 -21.07 -3.92
CA LYS B 138 29.50 -21.05 -4.17
C LYS B 138 30.23 -20.34 -3.04
N TYR B 139 29.50 -19.99 -1.98
CA TYR B 139 30.14 -19.24 -0.94
C TYR B 139 30.42 -20.01 0.29
N THR B 140 29.97 -21.26 0.30
CA THR B 140 30.34 -22.15 1.38
C THR B 140 30.25 -23.60 0.94
N ASP B 141 31.05 -24.47 1.56
CA ASP B 141 31.00 -25.91 1.28
C ASP B 141 30.05 -26.60 2.21
N PHE B 142 29.54 -25.88 3.20
CA PHE B 142 28.60 -26.49 4.15
C PHE B 142 27.19 -26.37 3.53
N ASN B 143 26.96 -27.13 2.47
CA ASN B 143 25.69 -27.07 1.76
C ASN B 143 25.29 -28.49 1.29
N SER B 144 24.05 -28.64 0.84
CA SER B 144 23.53 -29.93 0.47
C SER B 144 24.08 -30.63 -0.78
N VAL B 145 24.75 -29.90 -1.67
CA VAL B 145 25.32 -30.47 -2.88
C VAL B 145 26.61 -31.20 -2.50
N LYS B 146 27.37 -30.59 -1.60
CA LYS B 146 28.60 -31.20 -1.15
C LYS B 146 28.53 -32.19 0.01
N ARG B 147 27.53 -32.07 0.86
CA ARG B 147 27.44 -32.95 2.02
C ARG B 147 26.16 -33.73 1.85
N GLY B 148 25.75 -34.46 2.87
CA GLY B 148 24.52 -35.23 2.82
C GLY B 148 23.66 -35.62 1.61
N PRO B 149 22.63 -34.86 1.22
CA PRO B 149 21.76 -35.21 0.07
C PRO B 149 22.43 -35.27 -1.27
N LYS B 150 23.61 -34.65 -1.37
CA LYS B 150 24.37 -34.56 -2.61
C LYS B 150 23.40 -34.04 -3.61
N ARG B 151 22.73 -32.96 -3.28
CA ARG B 151 21.70 -32.49 -4.18
C ARG B 151 21.23 -31.06 -3.91
N ASP B 152 20.87 -30.36 -5.00
CA ASP B 152 20.34 -29.01 -4.89
C ASP B 152 18.87 -29.08 -4.43
N LEU B 153 18.66 -29.11 -3.12
CA LEU B 153 17.31 -29.19 -2.59
C LEU B 153 16.45 -28.00 -3.00
N VAL B 154 16.96 -26.80 -2.84
CA VAL B 154 16.17 -25.60 -3.20
C VAL B 154 15.72 -25.61 -4.68
N GLY B 155 16.68 -25.80 -5.59
CA GLY B 155 16.38 -25.80 -7.00
C GLY B 155 15.37 -26.85 -7.40
N ASP B 156 15.62 -28.09 -7.01
CA ASP B 156 14.72 -29.18 -7.31
C ASP B 156 13.35 -28.95 -6.73
N LEU B 157 13.25 -28.34 -5.55
CA LEU B 157 11.94 -28.15 -4.99
C LEU B 157 11.21 -27.04 -5.74
N ALA B 158 11.94 -26.00 -6.12
CA ALA B 158 11.34 -24.88 -6.84
C ALA B 158 10.71 -25.36 -8.17
N LYS B 159 11.45 -26.22 -8.87
CA LYS B 159 11.02 -26.83 -10.16
C LYS B 159 9.69 -27.63 -9.93
N ALA B 160 9.67 -28.46 -8.92
CA ALA B 160 8.45 -29.18 -8.59
C ALA B 160 7.30 -28.25 -8.17
N VAL B 161 7.59 -27.27 -7.32
CA VAL B 161 6.50 -26.38 -6.87
C VAL B 161 5.91 -25.59 -8.00
N ARG B 162 6.78 -25.04 -8.82
CA ARG B 162 6.32 -24.27 -9.97
C ARG B 162 5.56 -25.10 -11.01
N GLU B 163 5.98 -26.35 -11.23
CA GLU B 163 5.28 -27.27 -12.13
C GLU B 163 3.85 -27.56 -11.61
N ALA B 164 3.66 -27.56 -10.30
CA ALA B 164 2.38 -27.82 -9.70
C ALA B 164 1.51 -26.56 -9.74
N GLY B 165 2.03 -25.50 -10.32
CA GLY B 165 1.27 -24.27 -10.40
C GLY B 165 1.38 -23.33 -9.21
N LEU B 166 2.17 -23.67 -8.16
CA LEU B 166 2.32 -22.81 -6.98
C LEU B 166 3.52 -21.82 -7.05
N ARG B 167 3.43 -20.72 -6.28
CA ARG B 167 4.50 -19.74 -6.21
C ARG B 167 5.60 -20.33 -5.30
N PHE B 168 6.83 -19.86 -5.51
CA PHE B 168 7.99 -20.32 -4.73
C PHE B 168 8.80 -19.20 -4.07
N GLY B 169 8.94 -19.28 -2.76
CA GLY B 169 9.75 -18.30 -2.05
C GLY B 169 10.94 -18.99 -1.37
N VAL B 170 11.75 -18.16 -0.72
CA VAL B 170 12.92 -18.65 0.01
C VAL B 170 13.02 -17.93 1.34
N TYR B 171 13.43 -18.72 2.32
CA TYR B 171 13.63 -18.28 3.68
C TYR B 171 15.15 -18.31 3.84
N TYR B 172 15.69 -17.27 4.45
CA TYR B 172 17.11 -17.18 4.66
C TYR B 172 17.32 -16.54 6.02
N SER B 173 18.13 -17.20 6.85
CA SER B 173 18.46 -16.67 8.16
C SER B 173 19.57 -15.62 8.01
N GLY B 174 19.18 -14.41 7.69
CA GLY B 174 20.22 -13.39 7.56
C GLY B 174 20.71 -12.94 8.91
N GLY B 175 19.88 -12.91 9.94
CA GLY B 175 20.36 -12.40 11.20
C GLY B 175 21.20 -13.28 12.07
N LEU B 176 21.11 -14.59 11.86
CA LEU B 176 21.90 -15.53 12.64
C LEU B 176 22.54 -16.52 11.76
N ASP B 177 23.79 -16.85 12.11
CA ASP B 177 24.56 -17.91 11.49
C ASP B 177 25.51 -18.50 12.54
N TRP B 178 25.16 -19.67 13.07
CA TRP B 178 26.00 -20.29 14.11
C TRP B 178 27.39 -20.79 13.63
N ARG B 179 27.67 -20.67 12.33
CA ARG B 179 28.98 -21.04 11.84
C ARG B 179 29.90 -19.88 12.15
N PHE B 180 29.34 -18.74 12.58
CA PHE B 180 30.20 -17.61 12.87
C PHE B 180 30.26 -17.23 14.34
N THR B 181 29.69 -18.04 15.25
CA THR B 181 29.68 -17.73 16.68
C THR B 181 30.00 -19.01 17.45
N THR B 182 30.33 -18.92 18.74
CA THR B 182 30.62 -20.13 19.46
C THR B 182 29.68 -20.29 20.65
N GLU B 183 29.41 -19.19 21.28
CA GLU B 183 28.57 -19.11 22.45
C GLU B 183 27.09 -19.22 22.06
N PRO B 184 26.31 -19.98 22.84
CA PRO B 184 24.91 -20.11 22.52
C PRO B 184 24.12 -18.96 23.12
N ILE B 185 22.91 -18.81 22.60
CA ILE B 185 21.98 -17.81 23.08
C ILE B 185 21.34 -18.46 24.31
N ARG B 186 21.38 -17.83 25.48
CA ARG B 186 20.74 -18.43 26.67
C ARG B 186 19.55 -17.59 27.07
N TYR B 187 19.67 -16.27 26.88
CA TYR B 187 18.62 -15.32 27.23
C TYR B 187 18.32 -14.42 26.06
N PRO B 188 17.12 -13.87 25.99
CA PRO B 188 16.83 -12.99 24.82
C PRO B 188 17.89 -11.84 24.60
N GLU B 189 18.39 -11.29 25.69
CA GLU B 189 19.36 -10.24 25.66
C GLU B 189 20.63 -10.59 24.84
N ASP B 190 21.05 -11.87 24.87
CA ASP B 190 22.23 -12.34 24.12
C ASP B 190 22.16 -12.02 22.62
N LEU B 191 20.93 -12.07 22.10
CA LEU B 191 20.67 -11.75 20.71
C LEU B 191 21.21 -10.37 20.33
N SER B 192 21.38 -9.52 21.34
CA SER B 192 21.92 -8.21 21.03
C SER B 192 23.45 -8.20 20.73
N TYR B 193 24.22 -9.17 21.22
CA TYR B 193 25.64 -9.16 20.94
C TYR B 193 26.21 -10.48 20.39
N ILE B 194 25.50 -11.58 20.59
CA ILE B 194 26.01 -12.83 20.04
C ILE B 194 25.44 -13.03 18.60
N ARG B 195 26.13 -12.47 17.61
CA ARG B 195 25.77 -12.45 16.19
C ARG B 195 27.09 -12.52 15.42
N PRO B 196 27.05 -12.83 14.11
CA PRO B 196 28.33 -12.87 13.40
C PRO B 196 29.15 -11.56 13.63
N ASN B 197 28.49 -10.39 13.45
CA ASN B 197 29.07 -9.07 13.68
C ASN B 197 30.10 -8.49 12.72
N THR B 198 30.67 -9.33 11.86
CA THR B 198 31.70 -8.90 10.94
C THR B 198 31.24 -8.37 9.59
N TYR B 199 32.12 -7.56 8.97
CA TYR B 199 31.82 -7.06 7.63
C TYR B 199 31.76 -8.30 6.71
N GLU B 200 32.67 -9.24 6.91
CA GLU B 200 32.69 -10.44 6.11
C GLU B 200 31.30 -11.15 6.11
N TYR B 201 30.66 -11.28 7.28
CA TYR B 201 29.37 -11.87 7.35
C TYR B 201 28.32 -11.06 6.60
N ALA B 202 28.36 -9.73 6.77
CA ALA B 202 27.42 -8.87 6.04
C ALA B 202 27.52 -9.12 4.49
N ASP B 203 28.77 -9.31 3.99
CA ASP B 203 29.00 -9.57 2.59
C ASP B 203 28.44 -10.94 2.21
N TYR B 204 28.78 -11.93 3.02
CA TYR B 204 28.36 -13.31 2.80
C TYR B 204 26.82 -13.37 2.64
N ALA B 205 26.10 -12.72 3.56
CA ALA B 205 24.66 -12.72 3.54
C ALA B 205 24.16 -12.07 2.28
N TYR B 206 24.75 -10.94 1.94
CA TYR B 206 24.38 -10.25 0.72
C TYR B 206 24.60 -11.16 -0.48
N LYS B 207 25.80 -11.70 -0.59
CA LYS B 207 26.09 -12.57 -1.72
C LYS B 207 25.17 -13.75 -1.76
N GLN B 208 24.81 -14.32 -0.62
CA GLN B 208 23.92 -15.47 -0.67
C GLN B 208 22.47 -15.17 -1.11
N VAL B 209 21.90 -14.07 -0.63
CA VAL B 209 20.55 -13.74 -1.05
C VAL B 209 20.53 -13.36 -2.57
N MET B 210 21.55 -12.61 -3.03
CA MET B 210 21.73 -12.23 -4.43
C MET B 210 21.79 -13.50 -5.33
N GLU B 211 22.54 -14.48 -4.82
CA GLU B 211 22.71 -15.76 -5.49
C GLU B 211 21.38 -16.49 -5.65
N LEU B 212 20.56 -16.46 -4.61
CA LEU B 212 19.24 -17.08 -4.61
C LEU B 212 18.37 -16.33 -5.61
N VAL B 213 18.44 -14.99 -5.64
CA VAL B 213 17.68 -14.23 -6.62
C VAL B 213 18.16 -14.60 -8.05
N ASP B 214 19.47 -14.75 -8.21
CA ASP B 214 20.02 -15.08 -9.51
C ASP B 214 19.71 -16.48 -9.99
N LEU B 215 19.74 -17.46 -9.08
CA LEU B 215 19.49 -18.83 -9.49
C LEU B 215 18.03 -19.23 -9.59
N TYR B 216 17.18 -18.69 -8.71
CA TYR B 216 15.80 -19.11 -8.66
C TYR B 216 14.73 -18.07 -8.75
N LEU B 217 15.12 -16.78 -8.69
CA LEU B 217 14.17 -15.66 -8.76
C LEU B 217 12.89 -15.96 -7.95
N PRO B 218 13.04 -16.23 -6.64
CA PRO B 218 11.90 -16.55 -5.78
C PRO B 218 10.81 -15.46 -5.79
N ASP B 219 9.58 -15.86 -5.49
CA ASP B 219 8.44 -14.95 -5.43
C ASP B 219 8.35 -14.15 -4.12
N VAL B 220 9.09 -14.62 -3.10
CA VAL B 220 9.14 -14.04 -1.77
C VAL B 220 10.55 -14.21 -1.20
N LEU B 221 11.07 -13.12 -0.63
CA LEU B 221 12.37 -13.18 0.05
C LEU B 221 11.93 -13.10 1.52
N TRP B 222 12.01 -14.24 2.21
CA TRP B 222 11.61 -14.31 3.60
C TRP B 222 12.84 -14.34 4.53
N ASN B 223 13.26 -13.18 5.02
CA ASN B 223 14.42 -13.10 5.92
C ASN B 223 14.08 -13.35 7.39
N ASP B 224 15.01 -13.85 8.16
CA ASP B 224 14.64 -13.98 9.53
C ASP B 224 15.72 -13.41 10.43
N MET B 225 15.29 -12.95 11.61
CA MET B 225 16.15 -12.43 12.66
C MET B 225 16.87 -11.16 12.38
N GLY B 226 16.28 -10.32 11.55
CA GLY B 226 16.89 -9.07 11.15
C GLY B 226 18.04 -9.26 10.19
N TRP B 227 18.64 -8.14 9.75
CA TRP B 227 19.76 -8.19 8.84
C TRP B 227 20.98 -7.56 9.50
N PRO B 228 22.17 -8.12 9.24
CA PRO B 228 23.43 -7.60 9.81
C PRO B 228 23.50 -6.09 9.63
N GLU B 229 23.75 -5.42 10.75
CA GLU B 229 23.81 -3.96 10.81
C GLU B 229 24.72 -3.37 9.73
N LYS B 230 25.87 -4.00 9.54
CA LYS B 230 26.81 -3.54 8.53
C LYS B 230 26.26 -3.66 7.10
N GLY B 231 25.28 -4.55 6.91
CA GLY B 231 24.70 -4.76 5.60
C GLY B 231 23.37 -4.10 5.32
N LYS B 232 22.74 -3.44 6.28
CA LYS B 232 21.43 -2.81 6.02
C LYS B 232 21.32 -1.91 4.82
N GLU B 233 22.31 -1.08 4.59
CA GLU B 233 22.33 -0.22 3.45
C GLU B 233 22.43 -1.02 2.16
N ASP B 234 22.89 -2.27 2.24
CA ASP B 234 22.96 -3.12 1.04
C ASP B 234 21.56 -3.48 0.47
N LEU B 235 20.55 -3.59 1.37
CA LEU B 235 19.18 -3.93 1.01
C LEU B 235 18.53 -2.95 0.02
N LYS B 236 18.99 -1.70 -0.02
CA LYS B 236 18.43 -0.74 -0.96
C LYS B 236 18.75 -1.28 -2.37
N TYR B 237 19.99 -1.74 -2.54
CA TYR B 237 20.48 -2.25 -3.83
C TYR B 237 19.90 -3.61 -4.16
N LEU B 238 19.93 -4.49 -3.16
CA LEU B 238 19.40 -5.82 -3.33
C LEU B 238 17.89 -5.80 -3.68
N PHE B 239 17.10 -4.96 -2.98
CA PHE B 239 15.68 -4.85 -3.21
C PHE B 239 15.39 -4.26 -4.62
N ALA B 240 16.12 -3.21 -4.97
CA ALA B 240 15.91 -2.63 -6.28
C ALA B 240 16.25 -3.70 -7.38
N TYR B 241 17.41 -4.36 -7.24
CA TYR B 241 17.86 -5.43 -8.13
C TYR B 241 16.79 -6.52 -8.24
N TYR B 242 16.23 -6.94 -7.10
CA TYR B 242 15.22 -7.97 -7.09
C TYR B 242 13.91 -7.58 -7.80
N TYR B 243 13.39 -6.40 -7.49
CA TYR B 243 12.15 -5.92 -8.06
C TYR B 243 12.25 -5.55 -9.56
N ASN B 244 13.45 -5.14 -10.01
CA ASN B 244 13.66 -4.82 -11.39
C ASN B 244 13.72 -6.09 -12.25
N LYS B 245 14.08 -7.21 -11.63
CA LYS B 245 14.09 -8.51 -12.30
C LYS B 245 12.72 -9.17 -12.12
N HIS B 246 12.03 -8.92 -11.00
CA HIS B 246 10.77 -9.54 -10.71
C HIS B 246 9.82 -8.58 -9.91
N PRO B 247 9.07 -7.74 -10.60
CA PRO B 247 8.14 -6.78 -9.96
C PRO B 247 7.08 -7.48 -9.05
N GLU B 248 6.71 -8.72 -9.36
CA GLU B 248 5.77 -9.45 -8.52
C GLU B 248 6.43 -10.20 -7.41
N GLY B 249 7.72 -9.99 -7.23
CA GLY B 249 8.43 -10.60 -6.12
C GLY B 249 7.97 -9.82 -4.85
N SER B 250 8.26 -10.36 -3.65
CA SER B 250 7.89 -9.74 -2.40
C SER B 250 8.94 -9.97 -1.30
N VAL B 251 8.97 -9.06 -0.32
CA VAL B 251 9.87 -9.22 0.82
C VAL B 251 9.08 -9.05 2.15
N ASN B 252 9.43 -9.84 3.19
CA ASN B 252 8.75 -9.71 4.48
C ASN B 252 9.36 -8.53 5.30
N ASP B 253 9.16 -8.53 6.60
CA ASP B 253 9.50 -7.39 7.44
C ASP B 253 10.53 -7.68 8.49
N ARG B 254 11.35 -8.69 8.24
CA ARG B 254 12.37 -9.05 9.21
C ARG B 254 13.76 -8.61 8.76
N TRP B 255 13.83 -7.49 8.03
CA TRP B 255 15.11 -6.99 7.56
C TRP B 255 15.63 -5.92 8.47
N GLY B 256 14.73 -5.30 9.20
CA GLY B 256 15.12 -4.23 10.10
C GLY B 256 15.44 -2.97 9.32
N VAL B 257 14.89 -2.83 8.11
CA VAL B 257 15.08 -1.58 7.33
C VAL B 257 13.72 -0.94 7.04
N PRO B 258 13.69 0.25 6.44
CA PRO B 258 12.41 0.92 6.13
C PRO B 258 11.39 0.20 5.25
N HIS B 259 11.85 -0.64 4.36
CA HIS B 259 10.96 -1.33 3.44
C HIS B 259 10.53 -2.78 3.76
N TRP B 260 9.31 -3.14 3.39
CA TRP B 260 8.78 -4.51 3.56
C TRP B 260 7.48 -4.46 2.77
N ASP B 261 7.02 -5.62 2.26
CA ASP B 261 5.75 -5.67 1.54
C ASP B 261 4.61 -6.23 2.42
N PHE B 262 4.97 -7.05 3.41
CA PHE B 262 3.98 -7.61 4.35
C PHE B 262 4.70 -7.83 5.64
N LYS B 263 3.98 -7.72 6.75
CA LYS B 263 4.54 -7.92 8.06
C LYS B 263 4.29 -9.34 8.53
N THR B 264 4.88 -9.72 9.65
CA THR B 264 4.73 -11.09 10.14
C THR B 264 4.46 -11.20 11.65
N ALA B 265 3.86 -12.31 12.03
CA ALA B 265 3.55 -12.59 13.44
C ALA B 265 3.86 -14.07 13.54
N GLU B 266 4.39 -14.49 14.71
CA GLU B 266 4.79 -15.87 15.03
C GLU B 266 4.19 -16.36 16.36
N TYR B 267 3.39 -17.43 16.27
CA TYR B 267 2.64 -17.89 17.43
C TYR B 267 1.98 -16.63 18.03
N HIS B 268 2.14 -16.37 19.30
CA HIS B 268 1.54 -15.21 19.95
C HIS B 268 2.18 -13.86 19.63
N VAL B 269 3.44 -13.86 19.22
CA VAL B 269 4.15 -12.64 18.94
C VAL B 269 3.65 -11.80 17.76
N ASN B 270 3.25 -10.57 18.07
CA ASN B 270 2.72 -9.60 17.13
C ASN B 270 1.44 -10.04 16.50
N TYR B 271 0.77 -11.00 17.12
CA TYR B 271 -0.52 -11.43 16.57
C TYR B 271 -1.59 -10.30 16.72
N PRO B 272 -2.22 -9.88 15.63
CA PRO B 272 -3.22 -8.80 15.81
C PRO B 272 -4.59 -9.27 16.34
N GLY B 273 -5.19 -8.50 17.23
CA GLY B 273 -6.51 -8.87 17.72
C GLY B 273 -7.62 -8.33 16.82
N ASP B 274 -7.29 -7.45 15.86
CA ASP B 274 -8.32 -6.90 14.98
C ASP B 274 -7.68 -6.45 13.67
N LEU B 275 -8.46 -5.88 12.76
CA LEU B 275 -7.91 -5.38 11.50
C LEU B 275 -6.65 -4.50 11.72
N PRO B 276 -5.49 -4.93 11.22
CA PRO B 276 -4.24 -4.17 11.36
C PRO B 276 -4.12 -2.94 10.46
N GLY B 277 -4.58 -3.05 9.22
CA GLY B 277 -4.47 -1.93 8.31
C GLY B 277 -3.31 -2.04 7.33
N TYR B 278 -2.68 -3.21 7.24
CA TYR B 278 -1.55 -3.45 6.32
C TYR B 278 -1.53 -4.95 6.07
N LYS B 279 -0.95 -5.41 4.99
CA LYS B 279 -0.87 -6.87 4.73
C LYS B 279 0.17 -7.47 5.67
N TRP B 280 -0.17 -8.64 6.22
CA TRP B 280 0.69 -9.41 7.12
C TRP B 280 0.46 -10.93 6.86
N GLU B 281 1.26 -11.74 7.52
CA GLU B 281 1.22 -13.16 7.35
C GLU B 281 1.54 -13.80 8.70
N PHE B 282 0.74 -14.81 9.07
CA PHE B 282 0.91 -15.52 10.34
C PHE B 282 1.67 -16.82 10.14
N THR B 283 2.61 -17.13 10.99
CA THR B 283 3.24 -18.41 10.79
C THR B 283 3.34 -19.12 12.10
N ARG B 284 3.25 -20.46 11.99
CA ARG B 284 3.38 -21.37 13.13
C ARG B 284 3.60 -22.79 12.66
N GLY B 285 4.10 -23.62 13.54
CA GLY B 285 4.21 -25.02 13.17
C GLY B 285 2.85 -25.70 13.42
N ILE B 286 2.68 -26.89 12.82
CA ILE B 286 1.48 -27.66 13.05
C ILE B 286 1.52 -27.96 14.57
N GLY B 287 2.72 -28.26 15.08
CA GLY B 287 2.89 -28.41 16.51
C GLY B 287 3.46 -27.06 17.09
N LEU B 288 4.43 -27.21 17.98
CA LEU B 288 5.14 -26.13 18.67
C LEU B 288 6.57 -25.88 18.12
N SER B 289 6.95 -26.61 17.07
CA SER B 289 8.29 -26.51 16.53
C SER B 289 8.22 -26.25 15.03
N PHE B 290 9.30 -25.78 14.43
CA PHE B 290 9.23 -25.64 12.98
C PHE B 290 9.96 -26.88 12.47
N GLY B 291 11.16 -27.13 12.98
CA GLY B 291 11.86 -28.32 12.57
C GLY B 291 11.09 -29.54 13.09
N TYR B 292 11.25 -30.68 12.41
CA TYR B 292 10.58 -31.87 12.86
C TYR B 292 10.99 -32.24 14.31
N ASN B 293 10.02 -32.54 15.17
CA ASN B 293 10.33 -32.96 16.55
C ASN B 293 9.64 -34.30 16.73
N ARG B 294 10.40 -35.37 16.82
CA ARG B 294 9.86 -36.70 17.04
C ARG B 294 9.20 -36.80 18.45
N ASN B 295 9.38 -35.81 19.33
CA ASN B 295 8.78 -35.84 20.66
C ASN B 295 7.40 -35.31 20.66
N GLU B 296 6.93 -34.76 19.56
CA GLU B 296 5.59 -34.25 19.62
C GLU B 296 4.55 -35.33 19.29
N GLY B 297 3.43 -35.27 20.01
CA GLY B 297 2.35 -36.16 19.73
C GLY B 297 1.20 -35.25 19.32
N PRO B 298 0.02 -35.82 19.00
CA PRO B 298 -1.13 -35.02 18.62
C PRO B 298 -1.56 -34.01 19.71
N GLU B 299 -1.18 -34.28 20.96
CA GLU B 299 -1.47 -33.37 22.10
C GLU B 299 -0.82 -32.02 21.87
N HIS B 300 0.30 -32.02 21.16
CA HIS B 300 1.04 -30.80 20.89
C HIS B 300 0.70 -30.14 19.58
N MET B 301 -0.20 -30.74 18.83
CA MET B 301 -0.54 -30.22 17.52
C MET B 301 -1.92 -29.65 17.40
N LEU B 302 -2.08 -28.75 16.43
CA LEU B 302 -3.37 -28.19 16.20
C LEU B 302 -4.08 -29.34 15.55
N SER B 303 -5.40 -29.36 15.71
CA SER B 303 -6.27 -30.36 15.11
C SER B 303 -6.75 -29.72 13.80
N VAL B 304 -7.29 -30.52 12.87
CA VAL B 304 -7.75 -29.90 11.62
C VAL B 304 -8.70 -28.73 11.92
N GLU B 305 -9.63 -28.92 12.85
CA GLU B 305 -10.58 -27.84 13.13
C GLU B 305 -9.88 -26.53 13.59
N GLN B 306 -8.87 -26.66 14.44
CA GLN B 306 -8.14 -25.51 14.94
C GLN B 306 -7.31 -24.88 13.80
N LEU B 307 -6.80 -25.73 12.90
CA LEU B 307 -6.10 -25.20 11.78
C LEU B 307 -7.08 -24.34 11.02
N VAL B 308 -8.28 -24.86 10.81
CA VAL B 308 -9.28 -24.10 10.06
C VAL B 308 -9.66 -22.78 10.75
N TYR B 309 -9.84 -22.82 12.06
CA TYR B 309 -10.19 -21.61 12.79
C TYR B 309 -9.03 -20.59 12.77
N THR B 310 -7.80 -21.09 12.73
CA THR B 310 -6.61 -20.23 12.67
C THR B 310 -6.63 -19.51 11.32
N LEU B 311 -6.77 -20.32 10.26
CA LEU B 311 -6.83 -19.73 8.92
C LEU B 311 -7.98 -18.70 8.81
N VAL B 312 -9.18 -19.02 9.29
CA VAL B 312 -10.24 -18.05 9.19
C VAL B 312 -9.93 -16.77 9.99
N ASP B 313 -9.44 -16.93 11.21
CA ASP B 313 -9.17 -15.73 11.95
C ASP B 313 -8.12 -14.91 11.22
N VAL B 314 -7.04 -15.56 10.82
CA VAL B 314 -6.01 -14.86 10.09
C VAL B 314 -6.52 -14.11 8.86
N VAL B 315 -7.28 -14.78 8.00
CA VAL B 315 -7.75 -14.14 6.74
C VAL B 315 -8.74 -13.00 6.96
N SER B 316 -9.60 -13.15 7.96
CA SER B 316 -10.58 -12.13 8.22
C SER B 316 -9.88 -10.81 8.63
N LYS B 317 -8.68 -10.98 9.19
CA LYS B 317 -7.83 -9.88 9.63
C LYS B 317 -6.87 -9.41 8.57
N GLY B 318 -7.10 -9.80 7.33
CA GLY B 318 -6.24 -9.39 6.24
C GLY B 318 -4.92 -10.16 6.11
N GLY B 319 -4.70 -11.17 6.92
CA GLY B 319 -3.46 -11.87 6.72
C GLY B 319 -3.48 -13.12 5.86
N ASN B 320 -2.28 -13.69 5.72
CA ASN B 320 -2.10 -14.97 5.01
C ASN B 320 -1.58 -15.86 6.12
N LEU B 321 -1.90 -17.15 6.07
CA LEU B 321 -1.35 -18.14 6.99
C LEU B 321 -0.21 -18.87 6.22
N LEU B 322 0.94 -18.91 6.87
CA LEU B 322 2.14 -19.58 6.37
C LEU B 322 2.37 -20.73 7.35
N LEU B 323 1.74 -21.86 7.05
CA LEU B 323 1.81 -23.04 7.92
C LEU B 323 3.04 -23.85 7.69
N ASN B 324 3.77 -24.06 8.76
CA ASN B 324 4.98 -24.84 8.65
C ASN B 324 4.89 -26.35 8.77
N VAL B 325 5.57 -27.05 7.86
CA VAL B 325 5.65 -28.48 7.98
C VAL B 325 7.14 -28.80 8.20
N GLY B 326 7.40 -29.74 9.10
CA GLY B 326 8.73 -30.17 9.46
C GLY B 326 9.09 -31.59 8.99
N PRO B 327 9.70 -31.72 7.82
CA PRO B 327 10.07 -33.07 7.34
C PRO B 327 11.16 -33.78 8.16
N LYS B 328 11.35 -35.07 7.85
CA LYS B 328 12.36 -35.91 8.49
C LYS B 328 13.65 -35.85 7.66
N GLY B 329 14.80 -36.24 8.25
CA GLY B 329 16.05 -36.26 7.54
C GLY B 329 15.90 -37.03 6.22
N ASP B 330 15.03 -38.07 6.20
CA ASP B 330 14.86 -38.87 4.95
C ASP B 330 13.98 -38.21 3.92
N GLY B 331 13.44 -37.04 4.26
CA GLY B 331 12.60 -36.31 3.31
C GLY B 331 11.11 -36.66 3.36
N THR B 332 10.69 -37.53 4.27
CA THR B 332 9.26 -37.82 4.32
C THR B 332 8.57 -36.87 5.31
N ILE B 333 7.28 -36.63 5.07
CA ILE B 333 6.53 -35.77 5.95
C ILE B 333 5.77 -36.58 6.98
N PRO B 334 6.11 -36.45 8.27
CA PRO B 334 5.38 -37.24 9.29
C PRO B 334 3.85 -37.33 9.11
N ASP B 335 3.32 -38.54 9.29
CA ASP B 335 1.89 -38.75 9.15
C ASP B 335 0.97 -37.78 9.88
N LEU B 336 1.32 -37.41 11.13
CA LEU B 336 0.53 -36.45 11.93
C LEU B 336 0.38 -35.12 11.19
N GLN B 337 1.47 -34.67 10.55
CA GLN B 337 1.41 -33.44 9.80
C GLN B 337 0.70 -33.62 8.46
N LYS B 338 0.93 -34.73 7.77
CA LYS B 338 0.30 -34.99 6.44
C LYS B 338 -1.22 -35.06 6.58
N GLU B 339 -1.71 -35.66 7.66
CA GLU B 339 -3.16 -35.77 7.82
C GLU B 339 -3.86 -34.43 8.01
N ARG B 340 -3.28 -33.60 8.85
CA ARG B 340 -3.78 -32.26 9.08
C ARG B 340 -3.71 -31.39 7.81
N LEU B 341 -2.65 -31.53 7.01
CA LEU B 341 -2.59 -30.79 5.77
C LEU B 341 -3.76 -31.16 4.91
N LEU B 342 -4.04 -32.45 4.88
CA LEU B 342 -5.11 -33.01 4.07
C LEU B 342 -6.49 -32.54 4.54
N GLY B 343 -6.72 -32.65 5.85
CA GLY B 343 -7.98 -32.22 6.43
C GLY B 343 -8.22 -30.77 6.08
N LEU B 344 -7.17 -29.93 6.19
CA LEU B 344 -7.30 -28.51 5.86
C LEU B 344 -7.60 -28.36 4.37
N GLY B 345 -6.93 -29.16 3.55
CA GLY B 345 -7.18 -29.09 2.12
C GLY B 345 -8.62 -29.43 1.77
N GLU B 346 -9.20 -30.42 2.49
CA GLU B 346 -10.61 -30.87 2.32
C GLU B 346 -11.50 -29.65 2.63
N TRP B 347 -11.25 -29.01 3.78
CA TRP B 347 -12.05 -27.84 4.13
C TRP B 347 -11.96 -26.72 3.06
N LEU B 348 -10.76 -26.47 2.55
CA LEU B 348 -10.59 -25.42 1.53
C LEU B 348 -11.26 -25.72 0.19
N ARG B 349 -11.44 -27.01 -0.10
CA ARG B 349 -12.09 -27.41 -1.36
C ARG B 349 -13.58 -27.05 -1.26
N LYS B 350 -14.18 -27.25 -0.08
CA LYS B 350 -15.58 -26.90 0.06
C LYS B 350 -15.77 -25.38 0.20
N TYR B 351 -15.08 -24.77 1.20
CA TYR B 351 -15.23 -23.34 1.50
C TYR B 351 -14.26 -22.30 0.90
N GLY B 352 -13.31 -22.75 0.10
CA GLY B 352 -12.34 -21.85 -0.50
C GLY B 352 -12.79 -20.53 -1.09
N ASP B 353 -14.00 -20.50 -1.64
CA ASP B 353 -14.48 -19.29 -2.27
C ASP B 353 -14.73 -18.13 -1.29
N ALA B 354 -14.89 -18.44 -0.01
CA ALA B 354 -15.08 -17.44 1.05
C ALA B 354 -13.68 -17.09 1.68
N ILE B 355 -12.59 -17.59 1.08
CA ILE B 355 -11.24 -17.36 1.59
C ILE B 355 -10.32 -16.78 0.54
N TYR B 356 -10.01 -17.56 -0.50
CA TYR B 356 -9.10 -17.09 -1.56
C TYR B 356 -9.67 -15.85 -2.23
N GLY B 357 -8.83 -14.85 -2.50
CA GLY B 357 -9.35 -13.69 -3.18
C GLY B 357 -10.25 -12.76 -2.42
N THR B 358 -10.47 -12.98 -1.13
CA THR B 358 -11.31 -12.07 -0.39
C THR B 358 -10.53 -10.85 0.18
N SER B 359 -11.30 -9.93 0.73
CA SER B 359 -10.80 -8.72 1.36
C SER B 359 -11.42 -8.68 2.73
N VAL B 360 -10.87 -7.84 3.58
CA VAL B 360 -11.40 -7.69 4.91
C VAL B 360 -12.72 -6.92 4.79
N TRP B 361 -13.59 -7.09 5.77
CA TRP B 361 -14.85 -6.36 5.74
C TRP B 361 -14.68 -5.19 6.74
N GLU B 362 -15.77 -4.59 7.23
CA GLU B 362 -15.67 -3.48 8.17
C GLU B 362 -15.19 -3.90 9.52
N ARG B 363 -15.52 -5.13 9.86
CA ARG B 363 -15.11 -5.69 11.12
C ARG B 363 -14.74 -7.12 10.78
N CYS B 364 -13.79 -7.63 11.53
CA CYS B 364 -13.28 -8.95 11.34
C CYS B 364 -14.08 -9.99 12.06
N CYS B 365 -14.64 -9.55 13.16
CA CYS B 365 -15.20 -10.47 14.10
C CYS B 365 -16.58 -10.16 14.73
N ALA B 366 -17.22 -11.21 15.26
CA ALA B 366 -18.51 -11.13 15.92
C ALA B 366 -18.66 -12.39 16.70
N LYS B 367 -19.78 -12.53 17.37
CA LYS B 367 -20.01 -13.74 18.12
C LYS B 367 -21.50 -13.95 18.37
N THR B 368 -21.90 -15.21 18.51
CA THR B 368 -23.30 -15.50 18.77
C THR B 368 -23.56 -15.38 20.25
N GLU B 369 -24.79 -15.02 20.55
CA GLU B 369 -25.31 -14.87 21.89
C GLU B 369 -24.87 -16.02 22.81
N ASP B 370 -24.62 -17.19 22.23
CA ASP B 370 -24.17 -18.37 23.00
C ASP B 370 -22.64 -18.64 22.98
N GLY B 371 -21.81 -17.66 22.61
CA GLY B 371 -20.37 -17.87 22.63
C GLY B 371 -19.65 -18.41 21.39
N THR B 372 -20.36 -18.59 20.29
CA THR B 372 -19.69 -19.07 19.10
C THR B 372 -19.12 -17.88 18.36
N GLU B 373 -17.80 -17.93 18.15
CA GLU B 373 -17.10 -16.86 17.45
C GLU B 373 -17.40 -16.89 15.94
N ILE B 374 -17.38 -15.70 15.34
CA ILE B 374 -17.66 -15.46 13.94
C ILE B 374 -16.58 -14.53 13.27
N ARG B 375 -16.32 -14.77 12.01
CA ARG B 375 -15.34 -14.00 11.30
C ARG B 375 -15.94 -13.66 9.96
N PHE B 376 -15.60 -12.50 9.40
CA PHE B 376 -16.15 -12.08 8.12
C PHE B 376 -15.08 -11.92 7.04
N THR B 377 -15.47 -12.16 5.79
CA THR B 377 -14.56 -11.91 4.69
C THR B 377 -15.41 -11.31 3.58
N ARG B 378 -14.78 -10.71 2.61
CA ARG B 378 -15.56 -10.07 1.60
C ARG B 378 -15.07 -10.29 0.18
N LYS B 379 -16.01 -10.29 -0.75
CA LYS B 379 -15.73 -10.35 -2.19
C LYS B 379 -16.81 -9.43 -2.76
N CYS B 380 -16.43 -8.19 -2.98
CA CYS B 380 -17.32 -7.14 -3.47
C CYS B 380 -18.54 -6.91 -2.58
N ASN B 381 -19.71 -7.21 -3.13
CA ASN B 381 -21.00 -7.04 -2.47
C ASN B 381 -21.28 -8.26 -1.57
N ARG B 382 -20.56 -9.35 -1.83
CA ARG B 382 -20.73 -10.57 -1.05
C ARG B 382 -19.94 -10.57 0.28
N ILE B 383 -20.63 -10.80 1.39
CA ILE B 383 -19.99 -10.84 2.67
C ILE B 383 -20.06 -12.25 3.20
N PHE B 384 -18.92 -12.88 3.46
CA PHE B 384 -18.98 -14.21 4.01
C PHE B 384 -19.02 -14.12 5.51
N VAL B 385 -19.91 -14.93 6.12
CA VAL B 385 -20.08 -15.02 7.58
C VAL B 385 -19.67 -16.44 7.93
N ILE B 386 -18.52 -16.57 8.59
CA ILE B 386 -17.93 -17.85 8.92
C ILE B 386 -17.89 -18.05 10.43
N PHE B 387 -18.67 -19.04 10.88
CA PHE B 387 -18.77 -19.39 12.29
C PHE B 387 -17.66 -20.35 12.61
N LEU B 388 -16.98 -20.19 13.73
CA LEU B 388 -15.94 -21.11 14.05
C LEU B 388 -16.55 -22.24 14.83
N GLY B 389 -17.25 -23.09 14.07
CA GLY B 389 -17.95 -24.25 14.60
C GLY B 389 -19.31 -24.31 13.91
N ILE B 390 -20.14 -25.26 14.32
CA ILE B 390 -21.46 -25.36 13.73
C ILE B 390 -22.49 -25.29 14.85
N PRO B 391 -23.25 -24.18 14.88
CA PRO B 391 -24.28 -24.00 15.90
C PRO B 391 -25.22 -25.21 15.93
N THR B 392 -25.66 -25.62 17.11
CA THR B 392 -26.60 -26.74 17.23
C THR B 392 -28.06 -26.34 16.94
N GLY B 393 -28.52 -25.21 17.48
CA GLY B 393 -29.90 -24.80 17.22
C GLY B 393 -30.14 -24.07 15.90
N GLU B 394 -31.35 -24.14 15.36
CA GLU B 394 -31.61 -23.44 14.10
C GLU B 394 -31.76 -21.96 14.33
N LYS B 395 -31.93 -21.59 15.60
CA LYS B 395 -32.07 -20.17 15.90
C LYS B 395 -30.67 -19.63 16.23
N ILE B 396 -30.23 -18.67 15.43
CA ILE B 396 -28.92 -18.09 15.61
C ILE B 396 -29.02 -16.59 15.83
N VAL B 397 -28.55 -16.17 17.01
CA VAL B 397 -28.54 -14.76 17.37
C VAL B 397 -27.10 -14.26 17.36
N ILE B 398 -26.78 -13.38 16.41
CA ILE B 398 -25.47 -12.80 16.33
C ILE B 398 -25.49 -11.48 17.07
N GLU B 399 -24.64 -11.31 18.08
CA GLU B 399 -24.58 -10.07 18.87
C GLU B 399 -23.96 -8.85 18.21
N ASP B 400 -24.55 -7.70 18.51
CA ASP B 400 -24.03 -6.41 18.05
C ASP B 400 -23.83 -6.35 16.57
N LEU B 401 -24.83 -6.82 15.82
CA LEU B 401 -24.74 -6.82 14.39
C LEU B 401 -26.07 -6.59 13.68
N ASN B 402 -26.05 -5.78 12.63
CA ASN B 402 -27.23 -5.48 11.82
C ASN B 402 -26.82 -5.51 10.35
N LEU B 403 -27.65 -6.10 9.48
CA LEU B 403 -27.32 -6.12 8.04
C LEU B 403 -28.35 -5.33 7.28
N SER B 404 -27.93 -4.74 6.17
CA SER B 404 -28.86 -3.98 5.33
C SER B 404 -28.91 -4.68 3.97
N ALA B 405 -28.43 -5.92 3.96
CA ALA B 405 -28.36 -6.77 2.77
C ALA B 405 -29.73 -7.14 2.17
N GLY B 406 -30.64 -7.60 3.01
CA GLY B 406 -31.94 -7.99 2.47
C GLY B 406 -31.93 -9.48 2.13
N THR B 407 -30.76 -9.99 1.73
CA THR B 407 -30.66 -11.40 1.43
C THR B 407 -29.40 -12.07 1.99
N VAL B 408 -29.59 -13.19 2.68
CA VAL B 408 -28.56 -13.99 3.33
C VAL B 408 -28.71 -15.48 2.93
N ARG B 409 -27.78 -16.02 2.14
CA ARG B 409 -27.88 -17.42 1.73
C ARG B 409 -27.06 -18.33 2.61
N HIS B 410 -27.25 -19.64 2.50
CA HIS B 410 -26.44 -20.54 3.27
C HIS B 410 -25.48 -21.09 2.25
N PHE B 411 -24.23 -20.57 2.33
CA PHE B 411 -23.09 -20.84 1.46
C PHE B 411 -22.98 -22.16 0.67
N LEU B 412 -22.87 -23.30 1.34
CA LEU B 412 -22.72 -24.58 0.62
C LEU B 412 -23.91 -25.00 -0.27
N THR B 413 -25.13 -24.66 0.14
CA THR B 413 -26.34 -25.03 -0.61
C THR B 413 -26.86 -23.85 -1.43
N GLY B 414 -26.59 -22.65 -0.96
CA GLY B 414 -27.02 -21.45 -1.66
C GLY B 414 -28.41 -21.04 -1.21
N GLU B 415 -29.01 -21.87 -0.35
CA GLU B 415 -30.36 -21.60 0.13
C GLU B 415 -30.63 -20.28 0.85
N ARG B 416 -31.39 -19.39 0.18
CA ARG B 416 -31.82 -18.09 0.73
C ARG B 416 -32.28 -18.40 2.13
N LEU B 417 -32.03 -17.51 3.08
CA LEU B 417 -32.40 -17.74 4.47
C LEU B 417 -33.17 -16.59 5.11
N SER B 418 -33.89 -16.92 6.18
CA SER B 418 -34.70 -15.95 6.91
C SER B 418 -33.97 -15.26 8.02
N PHE B 419 -33.91 -13.94 7.90
CA PHE B 419 -33.23 -13.15 8.91
C PHE B 419 -33.90 -11.82 9.16
N LYS B 420 -33.55 -11.22 10.28
CA LYS B 420 -34.05 -9.89 10.58
C LYS B 420 -33.27 -9.29 11.74
N ASN B 421 -32.97 -8.00 11.65
CA ASN B 421 -32.27 -7.28 12.71
C ASN B 421 -33.27 -7.04 13.85
N VAL B 422 -33.11 -7.83 14.91
CA VAL B 422 -33.94 -7.76 16.10
C VAL B 422 -33.19 -6.83 17.08
N GLY B 423 -33.22 -5.52 16.85
CA GLY B 423 -32.52 -4.66 17.77
C GLY B 423 -31.05 -4.43 17.49
N LYS B 424 -30.21 -4.66 18.50
CA LYS B 424 -28.78 -4.45 18.34
C LYS B 424 -28.12 -5.71 17.78
N ASN B 425 -28.96 -6.73 17.60
CA ASN B 425 -28.59 -8.04 17.08
C ASN B 425 -29.14 -8.32 15.69
N LEU B 426 -28.79 -9.50 15.19
CA LEU B 426 -29.24 -9.98 13.91
C LEU B 426 -29.62 -11.42 14.19
N GLU B 427 -30.82 -11.81 13.75
CA GLU B 427 -31.30 -13.18 13.93
C GLU B 427 -31.51 -13.86 12.60
N ILE B 428 -31.02 -15.10 12.53
CA ILE B 428 -31.12 -15.93 11.33
C ILE B 428 -31.54 -17.33 11.73
N THR B 429 -32.33 -17.94 10.87
CA THR B 429 -32.82 -19.30 11.10
C THR B 429 -32.08 -20.22 10.12
N VAL B 430 -31.34 -21.16 10.69
CA VAL B 430 -30.60 -22.05 9.83
C VAL B 430 -31.18 -23.43 10.00
N PRO B 431 -31.89 -23.90 8.97
CA PRO B 431 -32.52 -25.21 8.94
C PRO B 431 -31.49 -26.34 9.21
N LYS B 432 -31.65 -27.01 10.34
CA LYS B 432 -30.79 -28.10 10.74
C LYS B 432 -30.34 -28.94 9.53
N LYS B 433 -31.17 -29.00 8.48
CA LYS B 433 -30.82 -29.79 7.31
C LYS B 433 -29.60 -29.18 6.73
N LEU B 434 -29.54 -27.85 6.69
CA LEU B 434 -28.38 -27.15 6.14
C LEU B 434 -27.22 -27.27 7.13
N LEU B 435 -27.47 -26.85 8.34
CA LEU B 435 -26.49 -26.94 9.39
C LEU B 435 -25.80 -28.28 9.33
N GLU B 436 -26.58 -29.33 9.24
CA GLU B 436 -25.99 -30.65 9.24
C GLU B 436 -25.18 -30.95 8.01
N THR B 437 -25.23 -30.09 7.01
CA THR B 437 -24.43 -30.37 5.85
C THR B 437 -22.98 -29.80 5.92
N ASP B 438 -22.79 -28.72 6.68
CA ASP B 438 -21.49 -28.08 6.85
C ASP B 438 -20.46 -28.91 7.56
N SER B 439 -19.21 -28.63 7.24
CA SER B 439 -18.09 -29.39 7.80
C SER B 439 -17.53 -28.92 9.16
N ILE B 440 -16.77 -27.85 9.18
CA ILE B 440 -16.20 -27.51 10.49
C ILE B 440 -16.76 -26.16 10.97
N THR B 441 -17.16 -25.41 9.98
CA THR B 441 -17.65 -24.09 10.15
C THR B 441 -18.97 -23.96 9.39
N LEU B 442 -19.93 -23.29 10.01
CA LEU B 442 -21.16 -22.99 9.34
C LEU B 442 -20.78 -21.70 8.58
N VAL B 443 -21.17 -21.58 7.32
CA VAL B 443 -20.83 -20.38 6.58
C VAL B 443 -22.06 -19.83 5.93
N LEU B 444 -22.32 -18.54 6.09
CA LEU B 444 -23.47 -17.92 5.43
C LEU B 444 -22.87 -16.90 4.49
N GLU B 445 -23.62 -16.45 3.50
CA GLU B 445 -23.13 -15.49 2.55
C GLU B 445 -24.23 -14.48 2.57
N ALA B 446 -23.88 -13.21 2.67
CA ALA B 446 -24.85 -12.13 2.70
C ALA B 446 -24.49 -11.23 1.56
N VAL B 447 -25.51 -10.60 0.96
CA VAL B 447 -25.27 -9.72 -0.18
C VAL B 447 -26.00 -8.41 0.04
N GLU B 448 -25.35 -7.31 -0.28
CA GLU B 448 -25.90 -5.97 -0.06
C GLU B 448 -26.40 -5.23 -1.33
#